data_2Q8B
#
_entry.id   2Q8B
#
_cell.length_a   184.905
_cell.length_b   51.487
_cell.length_c   95.257
_cell.angle_alpha   90.00
_cell.angle_beta   108.49
_cell.angle_gamma   90.00
#
_symmetry.space_group_name_H-M   'C 1 2 1'
#
loop_
_entity.id
_entity.type
_entity.pdbx_description
1 polymer 'Apical membrane antigen 1'
2 polymer '1F9 light chain'
3 polymer '1F9 heavy chain'
4 water water
#
loop_
_entity_poly.entity_id
_entity_poly.type
_entity_poly.pdbx_seq_one_letter_code
_entity_poly.pdbx_strand_id
1 'polypeptide(L)'
;GNYMGNPWTEYMAKYDIEEVHGSGIRVDLGEDAEVAGTQYRLPSGKCPVFGKGIIIENSNTTFLTPVATGNQYLKDGGFA
FPPTEPLMSPMTLDEMRHFYKDNKYVKNLDELTLCSRHAGNMIPDNDKNSNYKYPAVYDDKDKKCHILYIAAQENNGPRY
CNKDESKRNSMFCFRPAKDISFQNYTYLSKNVVDNWEKVCPRKNLQNAKFGLWVDGNCEDIPHVNEFPAIDLFECNKLVF
ELSASDQPKQYEQHLTDYEKIKEGFKNKNASMIKSAFLPTGAFKADRYKSHGKGYNWGNYNTETQKCEIFNVKPTCLINN
SSYIATTALSHPIEVE
;
A
2 'polypeptide(L)'
;SIVMTQTPKFLPVSAGDRVTIICKASQSVSNDVVWYQQKPGQSPKLLIYYASIRYTGVPDRFTGSGYGTDFTFTISTVQV
EDLAVYFCQQGFSSPRTFGGGTKLEINRADAAPTVSIFPPSSEQLTSGGASVVCFLNNFYPKDINVKWKIDGSERQNGVL
NSWTDQDSKDSTYSMSSTLTLTKDEYERHNSYTCEATHKTSTSPIVKSFNRNEC
;
L
3 'polypeptide(L)'
;EVQLQQSGAELLRPGASVKLSCIVSGFKIKDTSMHWVKQRPEQGLEWIGRIDPANDNSEYDPKFQGKATITADTSSNTAY
LQLSSLTSEDTAVYYCTLSHFWGQGTTLTVSSAKTTPPSVYPLAPGCGDTTGSSVTLGCLVKGYFPESVTVTWNSGSLSS
SVHTFPALLQSGLYTMSSSVTVPSSTWPSQTVTCSVAHPASSTTVDKKLE
;
H
#
# COMPACT_ATOMS: atom_id res chain seq x y z
N TYR A 3 29.49 -53.01 -24.51
CA TYR A 3 28.43 -52.51 -23.57
C TYR A 3 27.63 -51.35 -24.15
N MET A 4 26.47 -51.10 -23.54
CA MET A 4 25.63 -49.96 -23.94
C MET A 4 26.13 -48.68 -23.27
N GLY A 5 26.09 -47.58 -24.04
CA GLY A 5 26.27 -46.23 -23.48
C GLY A 5 25.02 -45.91 -22.68
N ASN A 6 25.13 -44.96 -21.75
CA ASN A 6 24.04 -44.62 -20.83
C ASN A 6 22.96 -43.74 -21.50
N PRO A 7 21.75 -44.29 -21.70
CA PRO A 7 20.67 -43.49 -22.28
C PRO A 7 19.94 -42.62 -21.25
N TRP A 8 20.34 -42.75 -19.99
CA TRP A 8 19.69 -42.02 -18.89
C TRP A 8 20.31 -40.65 -18.59
N THR A 9 21.38 -40.32 -19.30
CA THR A 9 22.20 -39.14 -18.99
C THR A 9 21.41 -37.83 -18.90
N GLU A 10 20.70 -37.45 -19.97
CA GLU A 10 19.92 -36.21 -19.96
C GLU A 10 18.81 -36.27 -18.92
N TYR A 11 18.12 -37.41 -18.88
CA TYR A 11 17.00 -37.64 -17.99
C TYR A 11 17.43 -37.47 -16.52
N MET A 12 18.62 -37.97 -16.20
CA MET A 12 19.09 -38.06 -14.81
C MET A 12 19.82 -36.81 -14.30
N ALA A 13 20.01 -35.81 -15.16
CA ALA A 13 20.80 -34.62 -14.83
C ALA A 13 20.22 -33.85 -13.63
N LYS A 14 18.90 -33.77 -13.57
CA LYS A 14 18.21 -33.02 -12.51
C LYS A 14 18.30 -33.69 -11.14
N TYR A 15 18.82 -34.92 -11.11
CA TYR A 15 19.00 -35.68 -9.88
C TYR A 15 20.43 -35.60 -9.31
N ASP A 16 21.30 -34.84 -9.99
CA ASP A 16 22.64 -34.52 -9.51
C ASP A 16 22.53 -33.29 -8.63
N ILE A 17 21.97 -33.52 -7.44
CA ILE A 17 21.62 -32.49 -6.47
C ILE A 17 22.84 -31.63 -6.07
N GLU A 18 23.99 -32.27 -5.91
CA GLU A 18 25.24 -31.54 -5.64
C GLU A 18 25.46 -30.44 -6.69
N GLU A 19 25.28 -30.81 -7.96
CA GLU A 19 25.46 -29.91 -9.08
C GLU A 19 24.33 -28.89 -9.27
N VAL A 20 23.08 -29.33 -9.20
CA VAL A 20 21.95 -28.48 -9.58
C VAL A 20 21.42 -27.62 -8.41
N HIS A 21 21.54 -28.12 -7.19
CA HIS A 21 21.09 -27.37 -6.04
C HIS A 21 22.31 -26.73 -5.34
N GLY A 22 23.33 -27.53 -5.08
CA GLY A 22 24.64 -27.03 -4.61
C GLY A 22 24.69 -26.43 -3.21
N SER A 23 23.66 -26.66 -2.41
CA SER A 23 23.63 -26.22 -1.02
C SER A 23 22.87 -27.24 -0.16
N GLY A 24 22.82 -27.01 1.15
CA GLY A 24 22.00 -27.83 2.03
C GLY A 24 20.54 -27.81 1.63
N ILE A 25 19.80 -28.84 2.07
CA ILE A 25 18.38 -28.97 1.79
C ILE A 25 17.56 -28.82 3.09
N ARG A 26 17.82 -29.70 4.07
CA ARG A 26 17.14 -29.64 5.36
C ARG A 26 17.40 -28.25 5.98
N VAL A 27 18.69 -27.91 6.14
CA VAL A 27 19.11 -26.55 6.45
C VAL A 27 19.98 -26.05 5.29
N ASP A 28 19.57 -24.94 4.71
CA ASP A 28 20.28 -24.31 3.61
C ASP A 28 20.91 -23.01 4.11
N LEU A 29 22.22 -23.01 4.32
CA LEU A 29 22.95 -21.79 4.72
C LEU A 29 24.32 -21.80 4.04
N GLY A 30 24.31 -21.88 2.71
CA GLY A 30 25.53 -22.18 1.97
C GLY A 30 26.28 -20.99 1.43
N GLU A 31 25.85 -19.79 1.81
CA GLU A 31 26.59 -18.57 1.54
C GLU A 31 26.70 -17.69 2.79
N ASP A 32 27.67 -16.77 2.76
CA ASP A 32 27.80 -15.74 3.79
C ASP A 32 27.62 -14.35 3.14
N ALA A 33 27.10 -13.41 3.92
CA ALA A 33 26.91 -12.03 3.45
C ALA A 33 26.86 -11.06 4.64
N GLU A 34 27.39 -9.85 4.42
CA GLU A 34 27.41 -8.82 5.45
C GLU A 34 26.22 -7.89 5.35
N VAL A 35 25.62 -7.58 6.49
CA VAL A 35 24.66 -6.48 6.60
C VAL A 35 25.12 -5.58 7.73
N ALA A 36 25.42 -4.32 7.38
CA ALA A 36 25.81 -3.28 8.33
C ALA A 36 26.96 -3.70 9.27
N GLY A 37 28.05 -4.18 8.67
CA GLY A 37 29.24 -4.60 9.42
C GLY A 37 29.11 -5.91 10.19
N THR A 38 28.14 -6.74 9.80
CA THR A 38 27.85 -8.00 10.49
C THR A 38 27.68 -9.13 9.47
N GLN A 39 28.49 -10.18 9.61
CA GLN A 39 28.39 -11.40 8.81
C GLN A 39 27.17 -12.26 9.16
N TYR A 40 26.45 -12.72 8.15
CA TYR A 40 25.31 -13.64 8.30
C TYR A 40 25.39 -14.81 7.33
N ARG A 41 24.98 -15.99 7.79
CA ARG A 41 24.73 -17.14 6.91
C ARG A 41 23.31 -17.01 6.33
N LEU A 42 23.13 -17.47 5.09
CA LEU A 42 21.82 -17.37 4.40
C LEU A 42 21.63 -18.50 3.38
N PRO A 43 20.36 -18.84 3.06
CA PRO A 43 20.09 -19.81 1.98
C PRO A 43 20.67 -19.40 0.65
N SER A 44 21.19 -20.39 -0.07
CA SER A 44 21.82 -20.17 -1.36
C SER A 44 21.59 -21.32 -2.35
N GLY A 45 20.66 -22.23 -2.01
CA GLY A 45 20.35 -23.37 -2.88
C GLY A 45 19.69 -22.95 -4.18
N LYS A 46 20.08 -23.58 -5.29
CA LYS A 46 19.58 -23.19 -6.62
C LYS A 46 18.25 -23.82 -7.02
N CYS A 47 17.79 -24.81 -6.26
CA CYS A 47 16.52 -25.50 -6.54
C CYS A 47 15.49 -25.21 -5.47
N PRO A 48 14.20 -25.10 -5.86
CA PRO A 48 13.13 -25.00 -4.86
C PRO A 48 13.04 -26.28 -4.03
N VAL A 49 12.78 -26.13 -2.74
CA VAL A 49 12.56 -27.28 -1.84
C VAL A 49 11.06 -27.44 -1.61
N PHE A 50 10.47 -28.41 -2.30
CA PHE A 50 9.04 -28.68 -2.25
C PHE A 50 8.63 -29.36 -0.95
N GLY A 51 7.68 -28.73 -0.25
CA GLY A 51 7.07 -29.32 0.95
C GLY A 51 7.71 -28.93 2.27
N LYS A 52 8.74 -28.09 2.19
CA LYS A 52 9.49 -27.65 3.38
C LYS A 52 8.92 -26.40 4.05
N GLY A 53 8.86 -26.45 5.38
CA GLY A 53 8.56 -25.29 6.20
C GLY A 53 9.27 -25.41 7.54
N ILE A 54 8.86 -24.58 8.50
CA ILE A 54 9.47 -24.62 9.84
C ILE A 54 8.40 -24.87 10.90
N ILE A 55 8.65 -25.89 11.73
CA ILE A 55 7.84 -26.13 12.92
C ILE A 55 8.41 -25.35 14.10
N ILE A 56 7.59 -24.50 14.70
CA ILE A 56 7.99 -23.82 15.91
C ILE A 56 7.53 -24.68 17.09
N GLU A 57 8.50 -25.10 17.89
CA GLU A 57 8.26 -26.05 18.98
C GLU A 57 7.66 -25.34 20.17
N ASN A 58 6.72 -26.03 20.83
CA ASN A 58 5.97 -25.49 21.98
C ASN A 58 5.10 -24.28 21.61
N SER A 59 4.64 -24.25 20.37
CA SER A 59 3.87 -23.12 19.84
C SER A 59 2.71 -23.56 18.93
N ASN A 60 1.65 -22.76 18.93
CA ASN A 60 0.52 -22.93 18.01
C ASN A 60 0.62 -22.02 16.79
N THR A 61 1.48 -20.99 16.87
CA THR A 61 1.61 -20.01 15.79
C THR A 61 2.45 -20.55 14.63
N THR A 62 1.93 -20.37 13.43
CA THR A 62 2.55 -20.85 12.21
C THR A 62 3.75 -19.96 11.83
N PHE A 63 4.75 -20.54 11.19
CA PHE A 63 5.98 -19.80 10.85
C PHE A 63 5.78 -18.74 9.76
N LEU A 64 4.71 -18.89 8.98
CA LEU A 64 4.35 -17.91 7.96
C LEU A 64 3.68 -16.68 8.56
N THR A 65 3.48 -16.69 9.87
CA THR A 65 2.99 -15.52 10.61
C THR A 65 4.12 -14.49 10.63
N PRO A 66 3.79 -13.21 10.45
CA PRO A 66 4.80 -12.15 10.52
C PRO A 66 5.58 -12.20 11.84
N VAL A 67 6.85 -11.82 11.78
CA VAL A 67 7.68 -11.67 12.98
C VAL A 67 7.00 -10.70 13.95
N ALA A 68 7.23 -10.92 15.24
CA ALA A 68 6.73 -10.02 16.28
C ALA A 68 7.30 -8.62 16.13
N THR A 69 6.40 -7.63 16.10
CA THR A 69 6.77 -6.20 16.09
C THR A 69 5.88 -5.42 17.05
N GLY A 70 6.22 -4.15 17.28
CA GLY A 70 5.50 -3.30 18.22
C GLY A 70 5.55 -3.89 19.62
N ASN A 71 4.38 -4.03 20.24
CA ASN A 71 4.25 -4.59 21.59
C ASN A 71 4.24 -6.11 21.66
N GLN A 72 4.43 -6.75 20.50
CA GLN A 72 4.49 -8.21 20.43
C GLN A 72 5.83 -8.75 20.90
N TYR A 73 5.78 -9.89 21.58
CA TYR A 73 6.97 -10.61 22.02
C TYR A 73 7.37 -11.64 20.99
N LEU A 74 8.69 -11.79 20.78
CA LEU A 74 9.27 -12.68 19.76
C LEU A 74 8.58 -14.03 19.59
N LYS A 75 8.08 -14.61 20.69
CA LYS A 75 7.50 -15.94 20.69
C LYS A 75 6.08 -16.03 20.10
N ASP A 76 5.37 -14.91 20.06
CA ASP A 76 4.00 -14.86 19.54
C ASP A 76 3.94 -14.67 18.02
N GLY A 77 5.08 -14.31 17.42
CA GLY A 77 5.16 -14.12 15.98
C GLY A 77 5.71 -15.35 15.28
N GLY A 78 5.93 -15.21 13.97
CA GLY A 78 6.56 -16.26 13.17
C GLY A 78 7.84 -15.76 12.52
N PHE A 79 8.04 -16.14 11.26
CA PHE A 79 9.29 -15.89 10.53
C PHE A 79 9.15 -14.86 9.42
N ALA A 80 7.92 -14.45 9.11
CA ALA A 80 7.63 -13.67 7.90
C ALA A 80 7.83 -12.17 8.05
N PHE A 81 7.97 -11.48 6.91
CA PHE A 81 7.99 -10.02 6.90
C PHE A 81 6.70 -9.45 7.53
N PRO A 82 6.84 -8.41 8.38
CA PRO A 82 5.72 -7.78 9.06
C PRO A 82 4.91 -6.85 8.12
N PRO A 83 3.59 -6.68 8.41
CA PRO A 83 2.69 -5.94 7.53
C PRO A 83 2.89 -4.41 7.48
N THR A 84 3.99 -3.97 6.88
CA THR A 84 4.26 -2.52 6.73
C THR A 84 3.83 -2.05 5.33
N GLU A 85 3.65 -0.75 5.15
CA GLU A 85 3.18 -0.22 3.86
C GLU A 85 4.21 0.71 3.19
N PRO A 86 4.43 0.52 1.86
CA PRO A 86 3.71 -0.42 0.98
C PRO A 86 3.93 -1.90 1.34
N LEU A 87 2.89 -2.72 1.17
CA LEU A 87 2.91 -4.12 1.60
C LEU A 87 3.52 -5.06 0.55
N MET A 88 4.74 -5.53 0.83
CA MET A 88 5.47 -6.38 -0.10
C MET A 88 5.27 -7.87 0.18
N SER A 89 4.77 -8.18 1.38
CA SER A 89 4.57 -9.56 1.80
C SER A 89 3.47 -9.65 2.87
N PRO A 90 2.52 -10.60 2.72
CA PRO A 90 2.44 -11.54 1.59
C PRO A 90 1.85 -10.90 0.32
N MET A 91 2.24 -11.42 -0.83
CA MET A 91 1.78 -10.91 -2.11
C MET A 91 1.41 -12.10 -3.00
N THR A 92 0.23 -12.08 -3.60
CA THR A 92 -0.23 -13.16 -4.47
C THR A 92 0.50 -13.16 -5.81
N LEU A 93 0.36 -14.24 -6.56
CA LEU A 93 0.96 -14.34 -7.90
C LEU A 93 0.52 -13.18 -8.79
N ASP A 94 -0.78 -12.95 -8.85
CA ASP A 94 -1.36 -11.93 -9.74
C ASP A 94 -1.01 -10.52 -9.30
N GLU A 95 -0.83 -10.33 -8.00
CA GLU A 95 -0.41 -9.04 -7.48
C GLU A 95 1.03 -8.78 -7.88
N MET A 96 1.85 -9.83 -7.80
CA MET A 96 3.26 -9.76 -8.24
C MET A 96 3.40 -9.53 -9.76
N ARG A 97 2.67 -10.31 -10.55
CA ARG A 97 2.60 -10.09 -12.00
C ARG A 97 2.20 -8.64 -12.33
N HIS A 98 1.15 -8.13 -11.67
CA HIS A 98 0.74 -6.73 -11.84
C HIS A 98 1.80 -5.72 -11.39
N PHE A 99 2.38 -5.98 -10.23
CA PHE A 99 3.44 -5.13 -9.66
C PHE A 99 4.63 -4.97 -10.63
N TYR A 100 4.99 -6.06 -11.30
CA TYR A 100 6.14 -6.07 -12.22
C TYR A 100 5.74 -6.03 -13.70
N LYS A 101 4.56 -5.48 -14.01
CA LYS A 101 3.96 -5.61 -15.33
C LYS A 101 4.73 -4.95 -16.48
N ASP A 102 5.60 -4.00 -16.13
CA ASP A 102 6.37 -3.25 -17.12
C ASP A 102 7.82 -3.72 -17.19
N ASN A 103 8.02 -4.94 -16.71
CA ASN A 103 9.31 -5.62 -16.73
C ASN A 103 9.10 -6.93 -17.48
N LYS A 104 9.58 -6.99 -18.72
CA LYS A 104 9.30 -8.11 -19.63
C LYS A 104 9.81 -9.45 -19.11
N TYR A 105 11.00 -9.45 -18.52
CA TYR A 105 11.57 -10.66 -17.95
C TYR A 105 10.80 -11.09 -16.69
N VAL A 106 10.84 -10.25 -15.66
CA VAL A 106 10.22 -10.55 -14.36
C VAL A 106 8.73 -10.91 -14.44
N LYS A 107 7.96 -10.18 -15.25
CA LYS A 107 6.51 -10.45 -15.38
C LYS A 107 6.18 -11.82 -15.96
N ASN A 108 7.15 -12.41 -16.65
CA ASN A 108 6.94 -13.70 -17.35
C ASN A 108 7.53 -14.92 -16.64
N LEU A 109 8.24 -14.68 -15.55
CA LEU A 109 8.81 -15.76 -14.73
C LEU A 109 7.71 -16.68 -14.17
N ASP A 110 8.04 -17.96 -14.00
CA ASP A 110 7.18 -18.88 -13.24
C ASP A 110 7.04 -18.37 -11.80
N GLU A 111 5.99 -18.83 -11.12
CA GLU A 111 5.60 -18.33 -9.80
C GLU A 111 6.64 -18.47 -8.69
N LEU A 112 7.42 -19.56 -8.72
CA LEU A 112 8.47 -19.79 -7.70
C LEU A 112 9.67 -18.87 -7.90
N THR A 113 10.15 -18.80 -9.15
CA THR A 113 11.24 -17.89 -9.49
C THR A 113 10.82 -16.43 -9.27
N LEU A 114 9.58 -16.10 -9.66
CA LEU A 114 9.02 -14.76 -9.44
C LEU A 114 9.02 -14.38 -7.95
N CYS A 115 8.48 -15.28 -7.12
CA CYS A 115 8.48 -15.11 -5.67
C CYS A 115 9.90 -14.91 -5.11
N SER A 116 10.85 -15.71 -5.60
CA SER A 116 12.25 -15.59 -5.19
C SER A 116 12.90 -14.26 -5.61
N ARG A 117 12.60 -13.80 -6.81
CA ARG A 117 13.11 -12.52 -7.30
C ARG A 117 12.47 -11.35 -6.57
N HIS A 118 11.19 -11.49 -6.20
CA HIS A 118 10.47 -10.48 -5.44
C HIS A 118 11.07 -10.26 -4.04
N ALA A 119 11.31 -11.37 -3.34
CA ALA A 119 12.01 -11.36 -2.06
C ALA A 119 13.42 -10.77 -2.19
N GLY A 120 14.07 -11.08 -3.31
CA GLY A 120 15.42 -10.59 -3.59
C GLY A 120 15.54 -9.10 -3.83
N ASN A 121 14.40 -8.43 -4.04
CA ASN A 121 14.35 -6.97 -4.22
C ASN A 121 14.24 -6.19 -2.92
N MET A 122 13.96 -6.88 -1.82
CA MET A 122 14.05 -6.28 -0.49
C MET A 122 15.51 -5.98 -0.19
N ILE A 123 15.78 -4.77 0.26
CA ILE A 123 17.11 -4.37 0.68
C ILE A 123 17.17 -4.43 2.20
N PRO A 124 18.03 -5.31 2.76
CA PRO A 124 18.09 -5.54 4.21
C PRO A 124 18.73 -4.38 4.96
N ASP A 125 17.99 -3.80 5.89
CA ASP A 125 18.36 -2.55 6.58
C ASP A 125 18.78 -1.43 5.60
N ASN A 126 18.22 -1.48 4.39
CA ASN A 126 18.54 -0.52 3.31
C ASN A 126 20.06 -0.44 3.00
N ASP A 127 20.75 -1.56 3.23
CA ASP A 127 22.18 -1.68 2.98
C ASP A 127 22.42 -2.09 1.52
N LYS A 128 22.80 -1.11 0.70
CA LYS A 128 23.10 -1.34 -0.70
C LYS A 128 24.49 -1.95 -0.92
N ASN A 129 25.31 -1.99 0.13
CA ASN A 129 26.61 -2.66 0.08
C ASN A 129 26.48 -4.16 0.29
N SER A 130 25.25 -4.60 0.60
CA SER A 130 24.98 -5.96 1.03
C SER A 130 24.54 -6.86 -0.11
N ASN A 131 25.15 -8.04 -0.18
CA ASN A 131 24.74 -9.10 -1.09
C ASN A 131 23.72 -10.05 -0.42
N TYR A 132 23.32 -9.72 0.81
CA TYR A 132 22.33 -10.49 1.55
C TYR A 132 20.93 -10.33 0.95
N LYS A 133 20.26 -11.45 0.70
CA LYS A 133 18.88 -11.47 0.20
C LYS A 133 18.03 -12.49 0.95
N TYR A 134 16.85 -12.07 1.39
CA TYR A 134 15.91 -12.92 2.14
C TYR A 134 15.35 -14.08 1.33
N PRO A 135 15.11 -15.22 2.01
CA PRO A 135 14.44 -16.31 1.33
C PRO A 135 12.91 -16.14 1.43
N ALA A 136 12.17 -17.04 0.81
CA ALA A 136 10.74 -16.90 0.77
C ALA A 136 10.10 -18.26 0.80
N VAL A 137 8.80 -18.27 1.10
CA VAL A 137 8.01 -19.48 0.98
C VAL A 137 6.82 -19.19 0.08
N TYR A 138 6.64 -20.04 -0.93
CA TYR A 138 5.51 -19.94 -1.80
C TYR A 138 4.46 -20.98 -1.41
N ASP A 139 3.21 -20.54 -1.33
CA ASP A 139 2.08 -21.38 -1.02
C ASP A 139 1.23 -21.57 -2.28
N ASP A 140 1.13 -22.82 -2.73
CA ASP A 140 0.36 -23.25 -3.92
C ASP A 140 -1.13 -23.07 -3.81
N LYS A 141 -1.66 -23.17 -2.60
CA LYS A 141 -3.10 -23.16 -2.41
C LYS A 141 -3.65 -21.75 -2.58
N ASP A 142 -3.09 -20.82 -1.83
CA ASP A 142 -3.44 -19.40 -1.88
C ASP A 142 -2.74 -18.63 -2.99
N LYS A 143 -1.71 -19.23 -3.59
CA LYS A 143 -0.84 -18.55 -4.56
C LYS A 143 -0.14 -17.33 -3.94
N LYS A 144 0.34 -17.50 -2.70
CA LYS A 144 0.97 -16.40 -1.98
C LYS A 144 2.47 -16.60 -1.82
N CYS A 145 3.20 -15.53 -2.08
CA CYS A 145 4.61 -15.41 -1.79
C CYS A 145 4.79 -14.75 -0.40
N HIS A 146 5.35 -15.49 0.54
CA HIS A 146 5.65 -14.96 1.85
C HIS A 146 7.16 -14.77 1.94
N ILE A 147 7.59 -13.52 2.06
CA ILE A 147 9.01 -13.21 2.27
C ILE A 147 9.35 -13.51 3.73
N LEU A 148 10.44 -14.23 3.96
CA LEU A 148 10.85 -14.58 5.31
C LEU A 148 11.86 -13.58 5.87
N TYR A 149 11.52 -12.96 7.00
CA TYR A 149 12.44 -12.09 7.70
C TYR A 149 13.49 -12.90 8.44
N ILE A 150 13.07 -14.03 8.99
CA ILE A 150 14.00 -14.94 9.66
C ILE A 150 14.46 -16.03 8.68
N ALA A 151 15.77 -16.07 8.45
CA ALA A 151 16.37 -17.00 7.50
C ALA A 151 16.98 -18.23 8.20
N ALA A 152 17.01 -18.19 9.54
CA ALA A 152 17.40 -19.33 10.34
C ALA A 152 16.37 -20.43 10.15
N GLN A 153 16.82 -21.67 10.13
CA GLN A 153 15.90 -22.79 9.89
C GLN A 153 15.81 -23.77 11.05
N GLU A 154 16.81 -23.76 11.94
CA GLU A 154 16.85 -24.67 13.08
C GLU A 154 17.53 -24.08 14.30
N ASN A 155 16.80 -24.12 15.42
CA ASN A 155 17.34 -23.84 16.76
C ASN A 155 16.81 -24.90 17.71
N ASN A 156 17.59 -25.97 17.84
CA ASN A 156 17.19 -27.21 18.50
C ASN A 156 18.14 -27.62 19.63
N GLY A 157 18.73 -26.63 20.30
CA GLY A 157 19.73 -26.92 21.34
C GLY A 157 19.15 -27.19 22.71
N PRO A 158 19.09 -28.49 23.11
CA PRO A 158 18.62 -28.95 24.44
C PRO A 158 19.11 -28.13 25.63
N ARG A 159 20.17 -27.35 25.45
CA ARG A 159 20.73 -26.52 26.52
C ARG A 159 19.72 -25.47 27.02
N TYR A 160 18.88 -24.99 26.11
CA TYR A 160 17.80 -24.06 26.44
C TYR A 160 16.54 -24.28 25.59
N CYS A 161 16.36 -25.51 25.12
CA CYS A 161 15.17 -25.90 24.36
C CYS A 161 14.40 -27.04 25.03
N MET A 171 13.57 -18.33 24.40
CA MET A 171 13.61 -17.97 23.00
C MET A 171 13.06 -19.11 22.12
N PHE A 172 12.74 -18.75 20.87
CA PHE A 172 12.33 -19.65 19.81
C PHE A 172 13.09 -20.98 19.73
N CYS A 173 12.37 -22.09 19.86
CA CYS A 173 12.91 -23.39 19.47
C CYS A 173 12.17 -23.89 18.23
N PHE A 174 12.92 -24.32 17.21
CA PHE A 174 12.34 -24.62 15.89
C PHE A 174 13.19 -25.55 15.02
N ARG A 175 12.53 -26.20 14.05
CA ARG A 175 13.17 -27.14 13.15
C ARG A 175 12.55 -27.16 11.74
N PRO A 176 13.38 -27.45 10.70
CA PRO A 176 12.80 -27.60 9.36
C PRO A 176 12.06 -28.94 9.30
N ALA A 177 10.95 -28.99 8.54
CA ALA A 177 10.21 -30.22 8.41
C ALA A 177 9.39 -30.22 7.14
N LYS A 178 9.07 -31.42 6.67
CA LYS A 178 8.01 -31.62 5.70
C LYS A 178 6.75 -32.14 6.40
N ASP A 179 6.08 -31.24 7.10
CA ASP A 179 4.80 -31.55 7.71
C ASP A 179 3.70 -31.68 6.66
N ILE A 180 2.66 -32.47 6.95
CA ILE A 180 1.52 -32.62 6.05
C ILE A 180 0.91 -31.25 5.67
N SER A 181 0.88 -30.33 6.63
CA SER A 181 0.34 -28.99 6.41
C SER A 181 1.28 -28.09 5.60
N PHE A 182 2.47 -28.59 5.26
CA PHE A 182 3.41 -27.82 4.46
C PHE A 182 3.45 -28.32 3.01
N GLN A 183 2.60 -29.30 2.67
CA GLN A 183 2.67 -29.96 1.35
C GLN A 183 2.60 -29.02 0.13
N ASN A 184 1.84 -27.92 0.24
CA ASN A 184 1.75 -26.94 -0.86
C ASN A 184 2.78 -25.82 -0.79
N TYR A 185 3.68 -25.90 0.19
CA TYR A 185 4.74 -24.91 0.38
C TYR A 185 5.98 -25.29 -0.40
N THR A 186 6.73 -24.29 -0.84
CA THR A 186 8.07 -24.46 -1.40
C THR A 186 9.02 -23.45 -0.73
N TYR A 187 10.15 -23.93 -0.22
CA TYR A 187 11.15 -23.07 0.41
C TYR A 187 12.13 -22.56 -0.64
N LEU A 188 12.25 -21.23 -0.73
CA LEU A 188 13.00 -20.62 -1.84
C LEU A 188 14.12 -19.70 -1.37
N SER A 189 15.35 -20.06 -1.73
CA SER A 189 16.50 -19.22 -1.49
C SER A 189 16.61 -18.16 -2.58
N LYS A 190 17.40 -17.12 -2.30
CA LYS A 190 17.67 -16.05 -3.28
C LYS A 190 18.19 -16.55 -4.63
N ASN A 191 18.73 -17.76 -4.67
CA ASN A 191 19.47 -18.27 -5.82
C ASN A 191 18.67 -19.16 -6.75
N VAL A 192 17.40 -19.41 -6.41
CA VAL A 192 16.52 -20.29 -7.20
C VAL A 192 16.55 -19.89 -8.68
N VAL A 193 16.96 -20.84 -9.52
CA VAL A 193 17.24 -20.57 -10.95
C VAL A 193 15.98 -20.49 -11.82
N ASP A 194 16.04 -19.62 -12.84
CA ASP A 194 15.06 -19.44 -13.92
C ASP A 194 14.45 -20.71 -14.46
N ASN A 195 15.34 -21.68 -14.70
CA ASN A 195 14.99 -22.90 -15.40
C ASN A 195 14.98 -24.10 -14.47
N TRP A 196 14.59 -23.91 -13.21
CA TRP A 196 14.56 -25.00 -12.24
C TRP A 196 13.67 -26.17 -12.70
N GLU A 197 12.70 -25.89 -13.55
CA GLU A 197 11.80 -26.91 -14.09
C GLU A 197 12.51 -27.91 -14.99
N LYS A 198 13.53 -27.43 -15.71
CA LYS A 198 14.36 -28.26 -16.55
C LYS A 198 15.49 -28.94 -15.77
N VAL A 199 16.00 -28.26 -14.75
CA VAL A 199 17.24 -28.70 -14.09
C VAL A 199 17.08 -29.23 -12.66
N CYS A 200 15.91 -29.05 -12.06
CA CYS A 200 15.69 -29.43 -10.67
C CYS A 200 14.56 -30.47 -10.55
N PRO A 201 14.64 -31.33 -9.52
CA PRO A 201 13.58 -32.32 -9.22
C PRO A 201 12.26 -31.68 -8.76
N ARG A 202 11.14 -32.31 -9.10
CA ARG A 202 9.85 -31.92 -8.54
C ARG A 202 9.00 -33.14 -8.18
N LYS A 203 8.45 -33.82 -9.18
CA LYS A 203 7.60 -34.96 -8.93
C LYS A 203 8.44 -36.22 -8.77
N ASN A 204 7.94 -37.13 -7.94
CA ASN A 204 8.54 -38.43 -7.72
C ASN A 204 8.23 -39.33 -8.92
N LEU A 205 9.01 -40.40 -9.08
CA LEU A 205 8.99 -41.19 -10.30
C LEU A 205 8.42 -42.58 -10.05
N GLN A 206 7.25 -42.84 -10.60
CA GLN A 206 6.60 -44.15 -10.51
C GLN A 206 7.33 -45.15 -11.40
N ASN A 207 7.24 -46.41 -11.00
CA ASN A 207 7.82 -47.53 -11.76
C ASN A 207 9.32 -47.38 -11.95
N ALA A 208 9.96 -46.76 -10.96
CA ALA A 208 11.36 -46.35 -11.06
C ALA A 208 12.11 -46.53 -9.73
N LYS A 209 13.36 -46.98 -9.86
CA LYS A 209 14.27 -47.15 -8.76
C LYS A 209 15.63 -46.61 -9.20
N PHE A 210 16.15 -45.62 -8.48
CA PHE A 210 17.51 -45.11 -8.74
C PHE A 210 18.57 -46.21 -8.69
N GLY A 211 19.50 -46.19 -9.63
CA GLY A 211 20.60 -47.14 -9.65
C GLY A 211 21.85 -46.51 -10.23
N LEU A 212 22.88 -47.33 -10.42
CA LEU A 212 24.13 -46.88 -11.03
C LEU A 212 24.39 -47.65 -12.32
N TRP A 213 24.80 -46.91 -13.35
CA TRP A 213 25.07 -47.51 -14.66
C TRP A 213 26.43 -48.21 -14.66
N VAL A 214 26.40 -49.53 -14.83
CA VAL A 214 27.59 -50.36 -14.76
C VAL A 214 27.48 -51.42 -15.85
N ASP A 215 28.42 -51.37 -16.80
CA ASP A 215 28.53 -52.34 -17.88
C ASP A 215 27.21 -52.48 -18.64
N GLY A 216 26.80 -51.39 -19.27
CA GLY A 216 25.57 -51.34 -20.06
C GLY A 216 24.28 -51.74 -19.36
N ASN A 217 24.24 -51.57 -18.03
CA ASN A 217 23.05 -51.91 -17.25
C ASN A 217 22.89 -51.05 -16.00
N CYS A 218 21.64 -50.80 -15.60
CA CYS A 218 21.39 -50.09 -14.36
C CYS A 218 21.40 -51.05 -13.18
N GLU A 219 22.40 -50.86 -12.31
CA GLU A 219 22.67 -51.71 -11.15
C GLU A 219 22.21 -51.04 -9.86
N ASP A 220 21.96 -51.83 -8.83
CA ASP A 220 21.52 -51.30 -7.53
C ASP A 220 22.55 -50.36 -6.90
N ILE A 221 22.07 -49.31 -6.26
CA ILE A 221 22.91 -48.51 -5.36
C ILE A 221 23.47 -49.48 -4.33
N PRO A 222 24.82 -49.62 -4.28
CA PRO A 222 25.47 -50.57 -3.37
C PRO A 222 25.26 -50.32 -1.88
N HIS A 223 25.17 -49.07 -1.45
CA HIS A 223 25.00 -48.76 -0.02
C HIS A 223 23.75 -47.96 0.32
N VAL A 224 22.86 -48.62 1.05
CA VAL A 224 21.50 -48.13 1.28
C VAL A 224 21.15 -48.40 2.75
N ASN A 225 20.52 -47.41 3.39
CA ASN A 225 19.93 -47.61 4.74
C ASN A 225 18.42 -47.72 4.59
N GLU A 226 17.83 -48.71 5.26
CA GLU A 226 16.43 -49.07 5.05
C GLU A 226 15.58 -48.79 6.29
N PHE A 227 14.45 -48.11 6.09
CA PHE A 227 13.57 -47.74 7.20
C PHE A 227 12.12 -47.99 6.81
N PRO A 228 11.24 -48.26 7.80
CA PRO A 228 9.86 -48.40 7.42
C PRO A 228 9.23 -47.05 7.07
N ALA A 229 8.34 -47.06 6.10
CA ALA A 229 7.56 -45.89 5.72
C ALA A 229 6.24 -46.39 5.13
N ILE A 230 5.13 -45.99 5.76
CA ILE A 230 3.81 -46.50 5.36
C ILE A 230 3.33 -46.00 3.99
N ASP A 231 3.83 -44.85 3.56
CA ASP A 231 3.49 -44.30 2.25
C ASP A 231 4.67 -43.49 1.73
N LEU A 232 4.52 -42.99 0.50
CA LEU A 232 5.57 -42.23 -0.16
C LEU A 232 5.91 -40.96 0.59
N PHE A 233 4.90 -40.29 1.13
CA PHE A 233 5.09 -39.06 1.90
C PHE A 233 5.99 -39.27 3.13
N GLU A 234 5.81 -40.38 3.84
CA GLU A 234 6.66 -40.69 4.99
C GLU A 234 8.11 -40.94 4.59
N CYS A 235 8.32 -41.58 3.45
CA CYS A 235 9.65 -41.86 2.92
C CYS A 235 10.37 -40.58 2.51
N ASN A 236 9.70 -39.71 1.76
CA ASN A 236 10.26 -38.41 1.37
C ASN A 236 10.70 -37.55 2.58
N LYS A 237 9.93 -37.64 3.67
CA LYS A 237 10.24 -37.01 4.96
C LYS A 237 11.54 -37.54 5.58
N LEU A 238 11.71 -38.86 5.53
CA LEU A 238 12.90 -39.47 6.12
C LEU A 238 14.15 -39.08 5.34
N VAL A 239 14.04 -39.06 4.00
CA VAL A 239 15.13 -38.61 3.11
C VAL A 239 15.51 -37.14 3.37
N PHE A 240 14.51 -36.27 3.47
CA PHE A 240 14.68 -34.87 3.85
C PHE A 240 15.44 -34.70 5.18
N GLU A 241 15.12 -35.56 6.15
CA GLU A 241 15.74 -35.52 7.48
C GLU A 241 17.22 -35.87 7.46
N LEU A 242 17.60 -36.70 6.48
CA LEU A 242 18.99 -37.13 6.35
C LEU A 242 19.78 -36.37 5.29
N SER A 243 19.09 -35.52 4.54
CA SER A 243 19.67 -34.86 3.36
C SER A 243 20.76 -33.85 3.66
N ALA A 244 21.35 -33.31 2.60
CA ALA A 244 22.35 -32.26 2.71
C ALA A 244 21.89 -31.21 3.71
N SER A 245 22.79 -30.82 4.61
CA SER A 245 22.45 -29.87 5.66
C SER A 245 23.66 -29.04 6.05
N ASP A 246 23.44 -27.73 6.16
CA ASP A 246 24.51 -26.77 6.47
C ASP A 246 24.61 -26.40 7.95
N GLN A 247 23.83 -27.10 8.77
CA GLN A 247 24.10 -27.19 10.21
C GLN A 247 23.60 -28.54 10.74
N PRO A 248 24.33 -29.15 11.69
CA PRO A 248 23.87 -30.42 12.25
C PRO A 248 22.69 -30.22 13.20
N LYS A 249 21.82 -31.23 13.31
CA LYS A 249 20.70 -31.19 14.26
C LYS A 249 21.18 -31.06 15.70
N GLN A 250 20.45 -30.24 16.48
CA GLN A 250 20.68 -30.05 17.93
C GLN A 250 21.98 -29.29 18.28
N TYR A 251 22.69 -28.80 17.26
CA TYR A 251 23.83 -27.94 17.46
C TYR A 251 23.42 -26.70 18.29
N GLU A 252 24.28 -26.34 19.25
CA GLU A 252 24.12 -25.17 20.13
C GLU A 252 23.19 -25.44 21.32
N ASP A 286 32.87 -22.57 5.37
CA ASP A 286 33.31 -23.45 6.45
C ASP A 286 32.99 -24.92 6.20
N ARG A 287 33.55 -25.79 7.05
CA ARG A 287 33.26 -27.23 7.00
C ARG A 287 31.78 -27.53 7.27
N TYR A 288 31.07 -26.51 7.75
CA TYR A 288 29.63 -26.59 7.96
C TYR A 288 28.77 -26.42 6.70
N LYS A 289 29.39 -26.08 5.56
CA LYS A 289 28.65 -26.06 4.28
C LYS A 289 28.65 -27.43 3.61
N SER A 290 27.47 -27.99 3.39
CA SER A 290 27.34 -29.29 2.75
C SER A 290 27.66 -29.26 1.25
N HIS A 291 27.39 -28.12 0.60
CA HIS A 291 27.46 -27.96 -0.86
C HIS A 291 26.57 -28.96 -1.62
N GLY A 292 25.50 -29.40 -0.97
CA GLY A 292 24.57 -30.37 -1.56
C GLY A 292 24.96 -31.82 -1.39
N LYS A 293 26.05 -32.10 -0.67
CA LYS A 293 26.42 -33.48 -0.31
C LYS A 293 25.57 -33.96 0.88
N GLY A 294 24.97 -35.14 0.74
CA GLY A 294 24.14 -35.70 1.81
C GLY A 294 23.33 -36.90 1.37
N TYR A 295 22.47 -37.38 2.27
CA TYR A 295 21.55 -38.48 1.93
C TYR A 295 20.30 -37.91 1.31
N ASN A 296 20.45 -37.53 0.04
CA ASN A 296 19.45 -36.74 -0.68
C ASN A 296 18.43 -37.55 -1.45
N TRP A 297 18.65 -38.87 -1.55
CA TRP A 297 17.81 -39.73 -2.41
C TRP A 297 17.25 -40.92 -1.67
N GLY A 298 16.10 -41.40 -2.12
CA GLY A 298 15.41 -42.55 -1.54
C GLY A 298 14.67 -43.35 -2.61
N ASN A 299 14.78 -44.66 -2.52
CA ASN A 299 13.97 -45.57 -3.31
C ASN A 299 12.87 -46.14 -2.44
N TYR A 300 11.63 -45.86 -2.82
CA TYR A 300 10.49 -46.30 -2.03
C TYR A 300 9.81 -47.55 -2.58
N ASN A 301 9.88 -48.64 -1.81
CA ASN A 301 9.14 -49.86 -2.12
C ASN A 301 7.74 -49.76 -1.56
N THR A 302 6.78 -49.54 -2.45
CA THR A 302 5.36 -49.33 -2.07
C THR A 302 4.68 -50.59 -1.54
N GLU A 303 5.26 -51.75 -1.84
CA GLU A 303 4.65 -53.03 -1.49
C GLU A 303 5.15 -53.54 -0.14
N THR A 304 6.45 -53.40 0.12
CA THR A 304 7.01 -53.78 1.41
C THR A 304 7.03 -52.60 2.38
N GLN A 305 6.73 -51.40 1.88
CA GLN A 305 6.68 -50.18 2.70
C GLN A 305 8.05 -49.90 3.34
N LYS A 306 9.07 -49.89 2.47
CA LYS A 306 10.46 -49.68 2.85
C LYS A 306 11.00 -48.46 2.12
N CYS A 307 11.64 -47.58 2.89
CA CYS A 307 12.30 -46.41 2.34
C CYS A 307 13.81 -46.66 2.33
N GLU A 308 14.39 -46.76 1.13
CA GLU A 308 15.82 -47.08 0.95
C GLU A 308 16.59 -45.82 0.60
N ILE A 309 17.46 -45.39 1.52
CA ILE A 309 18.04 -44.04 1.48
C ILE A 309 19.55 -44.09 1.21
N PHE A 310 20.05 -43.21 0.34
CA PHE A 310 21.47 -43.23 -0.06
C PHE A 310 22.06 -41.84 -0.27
N ASN A 311 23.39 -41.74 -0.29
CA ASN A 311 24.12 -40.45 -0.39
C ASN A 311 25.04 -40.31 -1.62
N VAL A 312 24.78 -41.09 -2.64
CA VAL A 312 25.61 -41.07 -3.83
C VAL A 312 24.69 -40.75 -5.00
N LYS A 313 25.15 -39.91 -5.92
CA LYS A 313 24.27 -39.51 -7.01
C LYS A 313 23.95 -40.66 -7.97
N PRO A 314 22.65 -40.87 -8.23
CA PRO A 314 22.19 -41.92 -9.14
C PRO A 314 22.45 -41.53 -10.59
N THR A 315 22.74 -42.52 -11.43
CA THR A 315 23.06 -42.26 -12.85
C THR A 315 22.12 -42.94 -13.85
N CYS A 316 21.20 -43.75 -13.33
CA CYS A 316 20.15 -44.38 -14.14
C CYS A 316 18.93 -44.76 -13.31
N LEU A 317 17.88 -45.23 -13.98
CA LEU A 317 16.72 -45.84 -13.34
C LEU A 317 16.69 -47.32 -13.61
N ILE A 318 16.31 -48.09 -12.60
CA ILE A 318 15.85 -49.47 -12.75
C ILE A 318 14.33 -49.35 -12.81
N ASN A 319 13.72 -49.98 -13.81
CA ASN A 319 12.28 -49.99 -13.91
C ASN A 319 11.70 -51.19 -13.17
N ASN A 320 11.28 -50.93 -11.93
CA ASN A 320 10.75 -51.94 -11.03
C ASN A 320 9.40 -51.40 -10.60
N SER A 321 8.35 -52.18 -10.82
CA SER A 321 7.00 -51.67 -10.59
C SER A 321 6.59 -51.58 -9.12
N SER A 322 7.49 -51.96 -8.21
CA SER A 322 7.24 -51.85 -6.78
C SER A 322 7.75 -50.51 -6.25
N TYR A 323 8.51 -49.80 -7.08
CA TYR A 323 9.28 -48.64 -6.62
C TYR A 323 8.80 -47.28 -7.06
N ILE A 324 8.98 -46.31 -6.14
CA ILE A 324 8.95 -44.89 -6.49
C ILE A 324 10.28 -44.26 -6.10
N ALA A 325 10.87 -43.50 -7.03
CA ALA A 325 12.12 -42.78 -6.81
C ALA A 325 11.88 -41.36 -6.26
N THR A 326 12.37 -41.09 -5.06
CA THR A 326 12.15 -39.79 -4.44
C THR A 326 13.48 -39.05 -4.11
N THR A 327 13.37 -37.75 -3.89
CA THR A 327 14.51 -36.89 -3.59
C THR A 327 14.09 -35.98 -2.42
N ALA A 328 15.06 -35.53 -1.61
CA ALA A 328 14.75 -34.58 -0.53
C ALA A 328 14.12 -33.27 -1.05
N LEU A 329 14.44 -32.92 -2.30
CA LEU A 329 13.93 -31.72 -2.97
C LEU A 329 12.49 -31.87 -3.49
N SER A 330 12.12 -33.11 -3.77
CA SER A 330 10.90 -33.43 -4.48
C SER A 330 9.67 -33.14 -3.67
N HIS A 331 8.58 -32.91 -4.37
CA HIS A 331 7.27 -32.80 -3.77
C HIS A 331 7.02 -34.04 -2.92
N PRO A 332 6.43 -33.85 -1.72
CA PRO A 332 6.19 -35.00 -0.84
C PRO A 332 5.12 -36.00 -1.31
N ILE A 333 4.30 -35.60 -2.30
CA ILE A 333 3.10 -36.36 -2.69
C ILE A 333 3.02 -36.68 -4.20
N GLU A 334 3.36 -35.70 -5.03
CA GLU A 334 3.13 -35.76 -6.48
C GLU A 334 4.07 -36.74 -7.20
N VAL A 335 3.47 -37.48 -8.13
CA VAL A 335 4.12 -38.56 -8.87
C VAL A 335 3.96 -38.41 -10.40
N GLU A 336 4.91 -38.98 -11.13
CA GLU A 336 5.04 -38.82 -12.58
C GLU A 336 5.36 -40.18 -13.20
N SER B 1 -3.59 8.60 -27.21
CA SER B 1 -4.51 9.02 -26.11
C SER B 1 -5.83 8.25 -26.18
N ILE B 2 -6.02 7.34 -25.23
CA ILE B 2 -7.27 6.60 -25.06
C ILE B 2 -8.10 7.32 -24.01
N VAL B 3 -9.35 7.63 -24.35
CA VAL B 3 -10.24 8.28 -23.43
C VAL B 3 -11.01 7.24 -22.61
N MET B 4 -11.07 7.45 -21.31
CA MET B 4 -11.83 6.60 -20.40
C MET B 4 -12.99 7.40 -19.83
N THR B 5 -14.19 7.13 -20.32
CA THR B 5 -15.38 7.90 -19.95
C THR B 5 -16.07 7.29 -18.74
N GLN B 6 -15.91 7.93 -17.58
CA GLN B 6 -16.47 7.40 -16.33
C GLN B 6 -17.84 7.99 -15.99
N THR B 7 -18.77 7.10 -15.64
CA THR B 7 -20.18 7.43 -15.44
C THR B 7 -20.75 6.72 -14.20
N PRO B 8 -21.48 7.46 -13.34
CA PRO B 8 -21.74 8.89 -13.42
C PRO B 8 -20.71 9.72 -12.64
N LYS B 9 -20.71 11.03 -12.85
CA LYS B 9 -19.78 11.93 -12.16
C LYS B 9 -20.13 12.05 -10.67
N PHE B 10 -21.43 12.20 -10.39
CA PHE B 10 -21.94 12.29 -9.02
C PHE B 10 -22.99 11.20 -8.77
N LEU B 11 -22.84 10.49 -7.65
CA LEU B 11 -23.75 9.39 -7.32
C LEU B 11 -24.14 9.39 -5.84
N PRO B 12 -25.38 9.84 -5.53
CA PRO B 12 -25.94 9.73 -4.18
C PRO B 12 -26.54 8.34 -3.89
N VAL B 13 -26.19 7.78 -2.73
CA VAL B 13 -26.67 6.45 -2.32
C VAL B 13 -26.93 6.35 -0.81
N SER B 14 -27.93 5.54 -0.45
CA SER B 14 -28.20 5.26 0.96
C SER B 14 -27.27 4.15 1.44
N ALA B 15 -26.89 4.20 2.72
CA ALA B 15 -26.03 3.17 3.32
C ALA B 15 -26.70 1.81 3.27
N GLY B 16 -26.34 1.01 2.27
CA GLY B 16 -26.95 -0.29 2.04
C GLY B 16 -27.33 -0.52 0.58
N ASP B 17 -27.46 0.57 -0.17
CA ASP B 17 -27.74 0.50 -1.62
C ASP B 17 -26.59 -0.16 -2.37
N ARG B 18 -26.86 -0.57 -3.62
CA ARG B 18 -25.82 -1.01 -4.53
C ARG B 18 -25.26 0.20 -5.26
N VAL B 19 -23.94 0.24 -5.40
CA VAL B 19 -23.29 1.26 -6.23
C VAL B 19 -22.77 0.62 -7.51
N THR B 20 -23.18 1.17 -8.64
CA THR B 20 -22.67 0.72 -9.94
C THR B 20 -22.09 1.89 -10.72
N ILE B 21 -20.78 1.80 -10.95
CA ILE B 21 -20.02 2.79 -11.71
C ILE B 21 -19.54 2.14 -13.00
N ILE B 22 -19.74 2.82 -14.12
CA ILE B 22 -19.34 2.31 -15.43
C ILE B 22 -18.20 3.15 -16.02
N CYS B 23 -17.25 2.47 -16.67
CA CYS B 23 -16.15 3.14 -17.34
C CYS B 23 -16.02 2.63 -18.79
N LYS B 24 -16.13 3.56 -19.73
CA LYS B 24 -16.12 3.24 -21.17
C LYS B 24 -14.81 3.67 -21.83
N ALA B 25 -14.08 2.70 -22.36
CA ALA B 25 -12.81 2.96 -23.04
C ALA B 25 -13.04 3.23 -24.54
N SER B 26 -12.40 4.26 -25.07
CA SER B 26 -12.58 4.66 -26.47
C SER B 26 -11.92 3.68 -27.42
N GLN B 27 -10.90 2.98 -26.92
CA GLN B 27 -10.25 1.89 -27.64
C GLN B 27 -10.16 0.66 -26.74
N SER B 28 -9.89 -0.50 -27.35
CA SER B 28 -9.70 -1.73 -26.59
C SER B 28 -8.52 -1.63 -25.63
N VAL B 29 -8.79 -1.89 -24.35
CA VAL B 29 -7.74 -1.91 -23.32
C VAL B 29 -7.62 -3.29 -22.67
N SER B 30 -8.06 -4.31 -23.39
CA SER B 30 -8.00 -5.71 -22.96
C SER B 30 -8.64 -5.89 -21.58
N ASN B 31 -7.85 -6.39 -20.63
CA ASN B 31 -8.29 -6.50 -19.23
C ASN B 31 -7.54 -5.55 -18.30
N ASP B 32 -6.66 -4.72 -18.88
CA ASP B 32 -5.78 -3.87 -18.10
C ASP B 32 -6.48 -2.61 -17.60
N VAL B 33 -7.37 -2.80 -16.62
CA VAL B 33 -8.09 -1.69 -16.00
C VAL B 33 -8.03 -1.80 -14.47
N VAL B 34 -7.56 -0.73 -13.82
CA VAL B 34 -7.53 -0.67 -12.36
C VAL B 34 -8.66 0.22 -11.82
N TRP B 35 -9.12 -0.06 -10.61
CA TRP B 35 -10.08 0.79 -9.91
C TRP B 35 -9.52 1.29 -8.58
N TYR B 36 -9.59 2.61 -8.38
CA TYR B 36 -9.05 3.25 -7.19
C TYR B 36 -10.11 3.88 -6.29
N GLN B 37 -9.81 3.90 -5.00
CA GLN B 37 -10.62 4.62 -4.01
C GLN B 37 -9.77 5.71 -3.39
N GLN B 38 -10.24 6.95 -3.47
CA GLN B 38 -9.58 8.06 -2.81
C GLN B 38 -10.54 8.71 -1.80
N LYS B 39 -10.28 8.45 -0.52
CA LYS B 39 -11.03 9.08 0.55
C LYS B 39 -10.46 10.49 0.79
N PRO B 40 -11.25 11.40 1.37
CA PRO B 40 -10.82 12.79 1.58
C PRO B 40 -9.45 12.95 2.26
N GLY B 41 -8.54 13.63 1.58
CA GLY B 41 -7.21 13.95 2.13
C GLY B 41 -6.15 12.87 2.01
N GLN B 42 -6.52 11.72 1.46
CA GLN B 42 -5.61 10.56 1.36
C GLN B 42 -5.17 10.30 -0.08
N SER B 43 -4.12 9.50 -0.23
CA SER B 43 -3.68 8.98 -1.52
C SER B 43 -4.73 7.98 -2.04
N PRO B 44 -4.89 7.88 -3.37
CA PRO B 44 -5.72 6.79 -3.91
C PRO B 44 -5.14 5.44 -3.51
N LYS B 45 -6.03 4.51 -3.15
CA LYS B 45 -5.63 3.13 -2.91
C LYS B 45 -6.26 2.20 -3.94
N LEU B 46 -5.48 1.24 -4.42
CA LEU B 46 -5.93 0.28 -5.42
C LEU B 46 -6.90 -0.75 -4.83
N LEU B 47 -8.06 -0.91 -5.49
CA LEU B 47 -9.05 -1.90 -5.05
C LEU B 47 -9.09 -3.11 -5.98
N ILE B 48 -9.18 -2.84 -7.29
CA ILE B 48 -9.31 -3.86 -8.33
C ILE B 48 -8.29 -3.60 -9.43
N TYR B 49 -7.57 -4.65 -9.84
CA TYR B 49 -6.63 -4.59 -10.97
C TYR B 49 -6.93 -5.73 -11.95
N TYR B 50 -6.37 -5.65 -13.16
CA TYR B 50 -6.76 -6.54 -14.27
C TYR B 50 -8.27 -6.73 -14.38
N ALA B 51 -8.98 -5.61 -14.25
CA ALA B 51 -10.44 -5.52 -14.49
C ALA B 51 -11.33 -6.18 -13.44
N SER B 52 -10.87 -7.27 -12.83
CA SER B 52 -11.76 -8.09 -12.00
C SER B 52 -11.12 -8.73 -10.76
N ILE B 53 -9.81 -8.54 -10.57
CA ILE B 53 -9.13 -9.15 -9.42
C ILE B 53 -9.07 -8.17 -8.27
N ARG B 54 -9.61 -8.59 -7.14
CA ARG B 54 -9.67 -7.77 -5.95
C ARG B 54 -8.33 -7.87 -5.23
N TYR B 55 -7.77 -6.72 -4.83
CA TYR B 55 -6.52 -6.71 -4.09
C TYR B 55 -6.71 -7.24 -2.68
N THR B 56 -5.69 -7.90 -2.15
CA THR B 56 -5.70 -8.45 -0.79
C THR B 56 -6.01 -7.36 0.24
N GLY B 57 -6.92 -7.68 1.16
CA GLY B 57 -7.32 -6.75 2.21
C GLY B 57 -8.53 -5.90 1.83
N VAL B 58 -8.80 -5.81 0.52
CA VAL B 58 -9.95 -5.08 0.02
C VAL B 58 -11.22 -5.86 0.35
N PRO B 59 -12.20 -5.19 1.00
CA PRO B 59 -13.46 -5.84 1.40
C PRO B 59 -14.20 -6.52 0.25
N ASP B 60 -14.88 -7.62 0.56
CA ASP B 60 -15.56 -8.42 -0.47
C ASP B 60 -16.75 -7.71 -1.13
N ARG B 61 -17.22 -6.63 -0.53
CA ARG B 61 -18.29 -5.80 -1.11
C ARG B 61 -17.87 -5.13 -2.43
N PHE B 62 -16.56 -4.93 -2.61
CA PHE B 62 -16.01 -4.30 -3.81
C PHE B 62 -15.69 -5.33 -4.89
N THR B 63 -16.17 -5.08 -6.10
CA THR B 63 -16.04 -6.00 -7.23
C THR B 63 -15.86 -5.21 -8.53
N GLY B 64 -15.12 -5.80 -9.47
CA GLY B 64 -14.96 -5.22 -10.79
C GLY B 64 -15.15 -6.28 -11.85
N SER B 65 -15.59 -5.87 -13.03
CA SER B 65 -15.77 -6.80 -14.16
C SER B 65 -15.71 -6.07 -15.50
N GLY B 66 -15.47 -6.84 -16.57
CA GLY B 66 -15.46 -6.29 -17.92
C GLY B 66 -14.19 -6.62 -18.68
N TYR B 67 -14.27 -6.48 -20.00
CA TYR B 67 -13.17 -6.76 -20.91
C TYR B 67 -13.42 -6.00 -22.21
N GLY B 68 -12.38 -5.36 -22.73
CA GLY B 68 -12.47 -4.63 -23.98
C GLY B 68 -12.64 -3.14 -23.78
N THR B 69 -13.87 -2.67 -23.89
CA THR B 69 -14.21 -1.25 -23.71
C THR B 69 -15.10 -1.01 -22.50
N ASP B 70 -15.89 -2.02 -22.13
CA ASP B 70 -16.95 -1.87 -21.13
C ASP B 70 -16.58 -2.45 -19.78
N PHE B 71 -16.33 -1.56 -18.81
CA PHE B 71 -15.85 -1.94 -17.48
C PHE B 71 -16.78 -1.40 -16.40
N THR B 72 -17.12 -2.25 -15.45
CA THR B 72 -18.06 -1.89 -14.39
C THR B 72 -17.51 -2.18 -13.00
N PHE B 73 -17.78 -1.26 -12.09
CA PHE B 73 -17.34 -1.32 -10.71
C PHE B 73 -18.55 -1.35 -9.80
N THR B 74 -18.57 -2.33 -8.89
CA THR B 74 -19.70 -2.51 -7.99
C THR B 74 -19.28 -2.50 -6.52
N ILE B 75 -20.02 -1.73 -5.73
CA ILE B 75 -20.06 -1.89 -4.27
C ILE B 75 -21.41 -2.50 -4.00
N SER B 76 -21.41 -3.75 -3.53
CA SER B 76 -22.64 -4.52 -3.31
C SER B 76 -23.60 -3.82 -2.35
N THR B 77 -23.07 -3.36 -1.22
CA THR B 77 -23.80 -2.54 -0.27
C THR B 77 -22.88 -1.49 0.34
N VAL B 78 -23.06 -0.24 -0.08
CA VAL B 78 -22.24 0.87 0.41
C VAL B 78 -22.42 1.08 1.90
N GLN B 79 -21.29 1.30 2.57
CA GLN B 79 -21.24 1.56 3.99
C GLN B 79 -20.75 2.99 4.23
N VAL B 80 -20.83 3.46 5.48
CA VAL B 80 -20.39 4.81 5.84
C VAL B 80 -18.91 5.06 5.51
N GLU B 81 -18.09 4.02 5.67
CA GLU B 81 -16.64 4.07 5.42
C GLU B 81 -16.30 4.30 3.95
N ASP B 82 -17.25 4.01 3.07
CA ASP B 82 -17.02 4.00 1.63
C ASP B 82 -17.06 5.39 0.97
N LEU B 83 -17.42 6.41 1.74
CA LEU B 83 -17.44 7.79 1.26
C LEU B 83 -16.09 8.16 0.64
N ALA B 84 -16.06 8.24 -0.69
CA ALA B 84 -14.85 8.55 -1.42
C ALA B 84 -15.16 8.94 -2.87
N VAL B 85 -14.09 9.24 -3.61
CA VAL B 85 -14.16 9.41 -5.05
C VAL B 85 -13.48 8.20 -5.67
N TYR B 86 -14.08 7.66 -6.72
CA TYR B 86 -13.59 6.44 -7.35
C TYR B 86 -13.15 6.71 -8.78
N PHE B 87 -12.02 6.12 -9.17
CA PHE B 87 -11.45 6.31 -10.50
C PHE B 87 -11.18 4.97 -11.21
N CYS B 88 -11.52 4.90 -12.50
CA CYS B 88 -10.98 3.86 -13.36
C CYS B 88 -9.69 4.41 -13.96
N GLN B 89 -8.82 3.50 -14.38
CA GLN B 89 -7.64 3.84 -15.17
C GLN B 89 -7.34 2.65 -16.07
N GLN B 90 -6.93 2.93 -17.30
CA GLN B 90 -6.44 1.90 -18.20
C GLN B 90 -4.91 1.90 -18.17
N GLY B 91 -4.31 0.71 -18.23
CA GLY B 91 -2.86 0.60 -18.22
C GLY B 91 -2.31 -0.11 -19.46
N PHE B 92 -3.18 -0.35 -20.43
CA PHE B 92 -2.87 -1.17 -21.60
C PHE B 92 -2.02 -0.40 -22.62
N SER B 93 -2.22 0.91 -22.69
CA SER B 93 -1.48 1.78 -23.60
C SER B 93 -1.14 3.10 -22.92
N SER B 94 0.00 3.66 -23.29
CA SER B 94 0.42 4.97 -22.81
C SER B 94 -0.09 6.04 -23.79
N PRO B 95 -0.62 7.16 -23.26
CA PRO B 95 -0.76 7.53 -21.84
C PRO B 95 -1.77 6.67 -21.08
N ARG B 96 -1.44 6.35 -19.83
CA ARG B 96 -2.30 5.51 -18.99
C ARG B 96 -3.35 6.39 -18.33
N THR B 97 -4.40 6.65 -19.10
CA THR B 97 -5.40 7.66 -18.75
C THR B 97 -6.41 7.21 -17.70
N PHE B 98 -6.71 8.12 -16.78
CA PHE B 98 -7.75 7.91 -15.77
C PHE B 98 -9.12 8.27 -16.30
N GLY B 99 -10.15 7.64 -15.74
CA GLY B 99 -11.50 8.15 -15.86
C GLY B 99 -11.59 9.47 -15.10
N GLY B 100 -12.69 10.19 -15.34
CA GLY B 100 -12.89 11.50 -14.72
C GLY B 100 -13.30 11.45 -13.26
N GLY B 101 -13.64 10.26 -12.78
CA GLY B 101 -14.02 10.06 -11.38
C GLY B 101 -15.51 9.98 -11.08
N THR B 102 -15.82 9.33 -9.97
CA THR B 102 -17.19 9.25 -9.45
C THR B 102 -17.17 9.59 -7.95
N LYS B 103 -17.81 10.69 -7.60
CA LYS B 103 -17.88 11.12 -6.20
C LYS B 103 -19.20 10.69 -5.57
N LEU B 104 -19.10 9.89 -4.51
CA LEU B 104 -20.27 9.38 -3.81
C LEU B 104 -20.80 10.37 -2.78
N GLU B 105 -22.12 10.44 -2.65
CA GLU B 105 -22.77 11.14 -1.54
C GLU B 105 -23.57 10.12 -0.71
N ILE B 106 -23.29 10.07 0.58
CA ILE B 106 -24.01 9.19 1.50
C ILE B 106 -25.35 9.82 1.85
N ASN B 107 -26.43 9.20 1.36
CA ASN B 107 -27.78 9.67 1.59
C ASN B 107 -28.27 9.28 2.98
N ARG B 108 -28.90 10.24 3.67
CA ARG B 108 -29.39 10.03 5.04
C ARG B 108 -30.65 10.86 5.36
N ALA B 109 -31.10 10.78 6.60
CA ALA B 109 -32.26 11.53 7.08
C ALA B 109 -31.98 13.02 7.15
N ASP B 110 -33.04 13.82 7.02
CA ASP B 110 -32.93 15.28 7.05
C ASP B 110 -32.62 15.81 8.45
N ALA B 111 -31.75 16.82 8.51
CA ALA B 111 -31.31 17.40 9.76
C ALA B 111 -31.21 18.91 9.66
N ALA B 112 -31.82 19.60 10.60
CA ALA B 112 -31.83 21.06 10.65
C ALA B 112 -30.51 21.62 11.17
N PRO B 113 -30.00 22.69 10.54
CA PRO B 113 -28.74 23.34 10.94
C PRO B 113 -28.81 24.00 12.32
N THR B 114 -27.69 23.95 13.04
CA THR B 114 -27.51 24.73 14.27
C THR B 114 -26.77 26.02 13.90
N VAL B 115 -27.52 27.12 13.92
CA VAL B 115 -27.00 28.43 13.51
C VAL B 115 -26.47 29.20 14.71
N SER B 116 -25.31 29.83 14.55
CA SER B 116 -24.73 30.70 15.57
C SER B 116 -23.99 31.88 14.95
N ILE B 117 -24.34 33.08 15.42
CA ILE B 117 -23.75 34.33 14.91
C ILE B 117 -22.67 34.89 15.85
N PHE B 118 -21.65 35.50 15.26
CA PHE B 118 -20.51 36.03 16.02
C PHE B 118 -20.17 37.47 15.62
N PRO B 119 -20.06 38.37 16.62
CA PRO B 119 -19.61 39.74 16.40
C PRO B 119 -18.12 39.80 16.02
N PRO B 120 -17.75 40.78 15.17
CA PRO B 120 -16.34 41.08 14.88
C PRO B 120 -15.55 41.40 16.15
N SER B 121 -14.46 40.66 16.36
CA SER B 121 -13.63 40.79 17.56
C SER B 121 -12.94 42.17 17.65
N SER B 122 -12.71 42.62 18.88
CA SER B 122 -12.12 43.94 19.13
C SER B 122 -10.71 44.10 18.56
N GLU B 123 -9.93 43.01 18.60
CA GLU B 123 -8.57 43.01 18.09
C GLU B 123 -8.49 42.82 16.57
N GLN B 124 -9.64 42.87 15.90
CA GLN B 124 -9.71 42.87 14.44
C GLN B 124 -10.06 44.27 13.93
N LEU B 125 -10.84 45.00 14.73
CA LEU B 125 -11.18 46.39 14.41
C LEU B 125 -9.99 47.34 14.64
N THR B 126 -9.02 46.87 15.41
CA THR B 126 -7.74 47.58 15.59
C THR B 126 -6.91 47.46 14.31
N SER B 127 -7.07 46.35 13.60
CA SER B 127 -6.41 46.14 12.30
C SER B 127 -7.06 46.96 11.18
N GLY B 128 -8.32 47.35 11.38
CA GLY B 128 -9.04 48.20 10.44
C GLY B 128 -10.13 47.51 9.65
N GLY B 129 -10.57 46.35 10.12
CA GLY B 129 -11.60 45.56 9.44
C GLY B 129 -12.59 44.92 10.41
N ALA B 130 -13.72 44.46 9.87
CA ALA B 130 -14.76 43.82 10.68
C ALA B 130 -15.49 42.74 9.91
N SER B 131 -15.28 41.48 10.32
CA SER B 131 -15.95 40.35 9.70
C SER B 131 -16.99 39.73 10.62
N VAL B 132 -18.23 39.68 10.16
CA VAL B 132 -19.31 39.05 10.91
C VAL B 132 -19.46 37.61 10.42
N VAL B 133 -19.14 36.66 11.28
CA VAL B 133 -19.14 35.23 10.92
C VAL B 133 -20.34 34.49 11.51
N CYS B 134 -20.90 33.60 10.70
CA CYS B 134 -22.05 32.80 11.08
C CYS B 134 -21.81 31.32 10.72
N PHE B 135 -21.87 30.45 11.73
CA PHE B 135 -21.71 29.02 11.52
C PHE B 135 -23.06 28.31 11.41
N LEU B 136 -23.23 27.51 10.37
CA LEU B 136 -24.39 26.63 10.26
C LEU B 136 -23.90 25.18 10.25
N ASN B 137 -23.98 24.53 11.40
CA ASN B 137 -23.40 23.21 11.59
C ASN B 137 -24.41 22.05 11.53
N ASN B 138 -23.93 20.90 11.07
CA ASN B 138 -24.66 19.61 11.10
C ASN B 138 -26.03 19.56 10.41
N PHE B 139 -26.06 19.83 9.11
CA PHE B 139 -27.31 19.78 8.34
C PHE B 139 -27.26 18.84 7.13
N TYR B 140 -28.44 18.39 6.69
CA TYR B 140 -28.61 17.57 5.49
C TYR B 140 -30.03 17.76 4.94
N PRO B 141 -30.20 17.96 3.61
CA PRO B 141 -29.20 17.94 2.54
C PRO B 141 -28.38 19.22 2.39
N LYS B 142 -27.52 19.25 1.37
CA LYS B 142 -26.54 20.32 1.17
C LYS B 142 -27.17 21.65 0.75
N ASP B 143 -28.33 21.60 0.09
CA ASP B 143 -29.04 22.81 -0.36
C ASP B 143 -29.47 23.67 0.83
N ILE B 144 -28.75 24.77 1.02
CA ILE B 144 -29.03 25.72 2.08
C ILE B 144 -28.91 27.15 1.56
N ASN B 145 -29.84 28.00 1.98
CA ASN B 145 -29.85 29.41 1.60
C ASN B 145 -29.53 30.28 2.80
N VAL B 146 -28.57 31.19 2.64
CA VAL B 146 -28.19 32.10 3.71
C VAL B 146 -28.31 33.54 3.24
N LYS B 147 -29.20 34.30 3.89
CA LYS B 147 -29.38 35.72 3.61
C LYS B 147 -28.97 36.55 4.82
N TRP B 148 -28.12 37.55 4.57
CA TRP B 148 -27.71 38.49 5.62
C TRP B 148 -28.61 39.71 5.65
N LYS B 149 -28.86 40.22 6.85
CA LYS B 149 -29.62 41.45 7.04
C LYS B 149 -28.83 42.45 7.89
N ILE B 150 -28.76 43.69 7.41
CA ILE B 150 -28.10 44.77 8.14
C ILE B 150 -29.11 45.87 8.43
N ASP B 151 -29.54 45.95 9.69
CA ASP B 151 -30.64 46.82 10.13
C ASP B 151 -31.97 46.52 9.41
N GLY B 152 -32.15 45.26 9.01
CA GLY B 152 -33.36 44.81 8.33
C GLY B 152 -33.30 44.84 6.81
N SER B 153 -32.17 45.32 6.27
CA SER B 153 -31.97 45.42 4.83
C SER B 153 -31.40 44.13 4.24
N GLU B 154 -31.07 44.14 2.95
CA GLU B 154 -30.56 42.96 2.26
C GLU B 154 -29.10 43.14 1.84
N ARG B 155 -28.19 42.46 2.54
CA ARG B 155 -26.77 42.52 2.23
C ARG B 155 -26.34 41.39 1.31
N GLN B 156 -25.87 41.75 0.12
CA GLN B 156 -25.40 40.78 -0.87
C GLN B 156 -23.88 40.87 -1.07
N ASN B 157 -23.37 42.10 -1.11
CA ASN B 157 -21.94 42.37 -1.29
C ASN B 157 -21.12 42.04 -0.03
N GLY B 158 -19.94 41.46 -0.24
CA GLY B 158 -19.03 41.12 0.85
C GLY B 158 -19.44 39.90 1.65
N VAL B 159 -20.09 38.94 0.99
CA VAL B 159 -20.51 37.69 1.63
C VAL B 159 -19.80 36.51 0.97
N LEU B 160 -19.11 35.72 1.79
CA LEU B 160 -18.41 34.52 1.33
C LEU B 160 -18.85 33.29 2.11
N ASN B 161 -19.33 32.28 1.38
CA ASN B 161 -19.79 31.02 1.97
C ASN B 161 -18.79 29.89 1.79
N SER B 162 -18.72 28.99 2.76
CA SER B 162 -17.78 27.87 2.73
C SER B 162 -18.37 26.58 3.29
N TRP B 163 -18.64 25.62 2.39
CA TRP B 163 -19.17 24.30 2.76
C TRP B 163 -18.06 23.31 3.08
N THR B 164 -18.32 22.41 4.03
CA THR B 164 -17.42 21.29 4.31
C THR B 164 -17.81 20.06 3.49
N ASP B 165 -16.90 19.10 3.40
CA ASP B 165 -17.22 17.76 2.90
C ASP B 165 -18.18 17.10 3.89
N GLN B 166 -18.91 16.09 3.43
CA GLN B 166 -19.77 15.30 4.32
C GLN B 166 -18.96 14.79 5.50
N ASP B 167 -19.54 14.89 6.69
CA ASP B 167 -18.85 14.46 7.91
C ASP B 167 -18.55 12.97 7.90
N SER B 168 -17.37 12.62 8.42
CA SER B 168 -16.92 11.24 8.48
C SER B 168 -17.77 10.36 9.38
N LYS B 169 -18.42 10.98 10.38
CA LYS B 169 -19.21 10.25 11.37
C LYS B 169 -20.72 10.23 11.06
N ASP B 170 -21.32 11.41 10.95
CA ASP B 170 -22.78 11.52 10.81
C ASP B 170 -23.29 11.91 9.40
N SER B 171 -22.37 12.02 8.44
CA SER B 171 -22.72 12.34 7.03
C SER B 171 -23.46 13.67 6.87
N THR B 172 -23.20 14.61 7.78
CA THR B 172 -23.83 15.93 7.75
C THR B 172 -22.90 16.99 7.17
N TYR B 173 -23.49 18.04 6.62
CA TYR B 173 -22.74 19.18 6.11
C TYR B 173 -22.66 20.29 7.15
N SER B 174 -21.64 21.14 7.01
CA SER B 174 -21.49 22.34 7.83
C SER B 174 -20.88 23.44 6.98
N MET B 175 -21.31 24.68 7.23
CA MET B 175 -20.82 25.80 6.45
C MET B 175 -20.71 27.09 7.26
N SER B 176 -19.81 27.98 6.84
CA SER B 176 -19.65 29.28 7.46
C SER B 176 -19.98 30.40 6.47
N SER B 177 -20.86 31.30 6.89
CA SER B 177 -21.17 32.49 6.12
C SER B 177 -20.50 33.69 6.80
N THR B 178 -19.62 34.36 6.07
CA THR B 178 -18.86 35.48 6.61
C THR B 178 -19.18 36.76 5.84
N LEU B 179 -19.62 37.77 6.58
CA LEU B 179 -19.87 39.10 6.04
C LEU B 179 -18.65 39.98 6.32
N THR B 180 -17.86 40.23 5.27
CA THR B 180 -16.62 40.99 5.40
C THR B 180 -16.81 42.43 4.92
N LEU B 181 -16.60 43.36 5.84
CA LEU B 181 -16.72 44.81 5.57
C LEU B 181 -15.77 45.62 6.46
N THR B 182 -15.69 46.93 6.21
CA THR B 182 -14.80 47.80 6.98
C THR B 182 -15.34 48.06 8.39
N LYS B 183 -14.43 48.36 9.32
CA LYS B 183 -14.77 48.70 10.70
C LYS B 183 -15.54 50.02 10.78
N ASP B 184 -15.53 50.76 9.67
CA ASP B 184 -16.28 52.00 9.54
C ASP B 184 -17.74 51.70 9.18
N GLU B 185 -17.93 50.72 8.29
CA GLU B 185 -19.25 50.23 7.91
C GLU B 185 -19.94 49.55 9.10
N TYR B 186 -19.16 48.75 9.84
CA TYR B 186 -19.66 48.03 11.01
C TYR B 186 -20.06 48.94 12.17
N GLU B 187 -19.33 50.04 12.35
CA GLU B 187 -19.62 51.00 13.41
C GLU B 187 -20.87 51.84 13.11
N ARG B 188 -21.16 52.04 11.82
CA ARG B 188 -22.31 52.83 11.38
C ARG B 188 -23.65 52.10 11.54
N HIS B 189 -23.63 50.77 11.46
CA HIS B 189 -24.85 49.97 11.59
C HIS B 189 -24.92 49.19 12.90
N ASN B 190 -26.15 48.80 13.27
CA ASN B 190 -26.41 48.21 14.59
C ASN B 190 -26.83 46.74 14.55
N SER B 191 -27.84 46.42 13.73
CA SER B 191 -28.40 45.08 13.68
C SER B 191 -27.76 44.21 12.60
N TYR B 192 -27.31 43.03 13.00
CA TYR B 192 -26.72 42.05 12.07
C TYR B 192 -27.40 40.70 12.25
N THR B 193 -28.05 40.24 11.18
CA THR B 193 -28.90 39.06 11.23
C THR B 193 -28.41 37.96 10.28
N CYS B 194 -28.34 36.74 10.80
CA CYS B 194 -28.02 35.56 10.01
C CYS B 194 -29.28 34.71 9.82
N GLU B 195 -29.76 34.64 8.57
CA GLU B 195 -31.01 33.98 8.24
C GLU B 195 -30.77 32.76 7.35
N ALA B 196 -31.17 31.57 7.83
CA ALA B 196 -30.86 30.31 7.15
C ALA B 196 -32.12 29.55 6.69
N THR B 197 -32.23 29.37 5.38
CA THR B 197 -33.36 28.65 4.78
C THR B 197 -32.95 27.24 4.32
N HIS B 198 -33.76 26.26 4.70
CA HIS B 198 -33.50 24.84 4.42
C HIS B 198 -34.84 24.18 4.02
N LYS B 199 -34.78 22.98 3.47
CA LYS B 199 -36.01 22.28 3.08
C LYS B 199 -36.74 21.62 4.27
N THR B 200 -36.03 21.49 5.40
CA THR B 200 -36.61 20.95 6.63
C THR B 200 -37.68 21.86 7.25
N SER B 201 -37.59 23.18 6.97
CA SER B 201 -38.56 24.14 7.49
C SER B 201 -38.93 25.21 6.47
N THR B 202 -40.15 25.72 6.56
CA THR B 202 -40.64 26.78 5.67
C THR B 202 -40.21 28.18 6.14
N SER B 203 -40.20 28.37 7.46
CA SER B 203 -39.71 29.61 8.05
C SER B 203 -38.21 29.48 8.37
N PRO B 204 -37.40 30.43 7.87
CA PRO B 204 -35.94 30.33 8.02
C PRO B 204 -35.47 30.49 9.46
N ILE B 205 -34.36 29.82 9.80
CA ILE B 205 -33.77 29.88 11.13
C ILE B 205 -33.00 31.19 11.30
N VAL B 206 -33.48 32.03 12.20
CA VAL B 206 -32.96 33.39 12.40
C VAL B 206 -32.05 33.46 13.63
N LYS B 207 -30.89 34.08 13.47
CA LYS B 207 -29.92 34.24 14.55
C LYS B 207 -29.18 35.57 14.39
N SER B 208 -29.50 36.54 15.24
CA SER B 208 -28.97 37.91 15.12
C SER B 208 -28.38 38.47 16.42
N PHE B 209 -27.67 39.59 16.29
CA PHE B 209 -27.15 40.34 17.43
C PHE B 209 -27.15 41.84 17.15
N ASN B 210 -27.25 42.64 18.21
CA ASN B 210 -27.10 44.08 18.11
C ASN B 210 -25.75 44.54 18.64
N ARG B 211 -25.11 45.45 17.90
CA ARG B 211 -23.83 46.04 18.31
C ARG B 211 -24.00 46.94 19.54
N ASN B 212 -25.24 47.35 19.81
CA ASN B 212 -25.58 48.25 20.91
C ASN B 212 -25.37 47.72 22.33
N GLU B 213 -25.60 46.41 22.51
CA GLU B 213 -25.50 45.79 23.84
C GLU B 213 -24.04 45.53 24.24
N GLU C 1 12.41 -2.99 5.70
CA GLU C 1 11.09 -2.35 5.44
C GLU C 1 11.13 -1.44 4.23
N VAL C 2 10.02 -1.40 3.49
CA VAL C 2 9.90 -0.53 2.34
C VAL C 2 9.17 0.75 2.73
N GLN C 3 9.71 1.89 2.31
CA GLN C 3 9.10 3.20 2.55
C GLN C 3 9.14 4.07 1.30
N LEU C 4 8.07 4.84 1.10
CA LEU C 4 8.00 5.85 0.05
C LEU C 4 7.98 7.23 0.70
N GLN C 5 8.90 8.10 0.28
CA GLN C 5 8.96 9.44 0.83
C GLN C 5 9.07 10.49 -0.27
N GLN C 6 8.07 11.35 -0.34
CA GLN C 6 8.06 12.44 -1.30
C GLN C 6 8.56 13.73 -0.65
N SER C 7 9.18 14.58 -1.46
CA SER C 7 9.74 15.85 -0.99
C SER C 7 8.66 16.79 -0.44
N GLY C 8 9.11 17.82 0.27
CA GLY C 8 8.21 18.74 0.97
C GLY C 8 7.43 19.66 0.06
N ALA C 9 6.36 20.23 0.60
CA ALA C 9 5.50 21.18 -0.11
C ALA C 9 6.30 22.35 -0.68
N GLU C 10 6.02 22.69 -1.94
CA GLU C 10 6.75 23.76 -2.63
C GLU C 10 5.85 24.93 -2.99
N LEU C 11 6.28 26.13 -2.61
CA LEU C 11 5.66 27.37 -3.07
C LEU C 11 6.61 28.09 -4.04
N LEU C 12 6.13 28.29 -5.27
CA LEU C 12 6.95 28.92 -6.31
C LEU C 12 6.18 29.94 -7.16
N ARG C 13 6.91 30.88 -7.76
CA ARG C 13 6.31 31.88 -8.63
C ARG C 13 6.14 31.34 -10.04
N PRO C 14 5.18 31.89 -10.82
CA PRO C 14 5.06 31.59 -12.25
C PRO C 14 6.37 31.80 -13.01
N GLY C 15 6.58 31.01 -14.06
CA GLY C 15 7.77 31.12 -14.90
C GLY C 15 8.98 30.38 -14.38
N ALA C 16 8.92 29.92 -13.13
CA ALA C 16 10.02 29.21 -12.49
C ALA C 16 9.94 27.72 -12.79
N SER C 17 10.78 26.94 -12.11
CA SER C 17 10.77 25.48 -12.24
C SER C 17 11.04 24.79 -10.91
N VAL C 18 10.72 23.50 -10.84
CA VAL C 18 10.91 22.72 -9.61
C VAL C 18 11.27 21.25 -9.89
N LYS C 19 12.14 20.70 -9.04
CA LYS C 19 12.48 19.28 -9.06
C LYS C 19 11.89 18.62 -7.83
N LEU C 20 10.87 17.78 -8.03
CA LEU C 20 10.29 16.99 -6.94
C LEU C 20 10.98 15.63 -6.84
N SER C 21 11.19 15.15 -5.61
CA SER C 21 11.83 13.85 -5.39
C SER C 21 10.89 12.79 -4.80
N CYS C 22 11.22 11.53 -5.06
CA CYS C 22 10.45 10.39 -4.57
C CYS C 22 11.42 9.29 -4.13
N ILE C 23 11.73 9.28 -2.83
CA ILE C 23 12.74 8.37 -2.27
C ILE C 23 12.14 7.06 -1.76
N VAL C 24 12.54 5.96 -2.40
CA VAL C 24 12.15 4.62 -1.99
C VAL C 24 13.28 4.01 -1.16
N SER C 25 12.95 3.55 0.04
CA SER C 25 13.91 2.85 0.89
C SER C 25 13.52 1.40 1.01
N GLY C 26 14.51 0.54 1.26
CA GLY C 26 14.29 -0.89 1.50
C GLY C 26 13.88 -1.73 0.30
N PHE C 27 13.95 -1.16 -0.90
CA PHE C 27 13.50 -1.83 -2.12
C PHE C 27 14.25 -1.33 -3.36
N LYS C 28 14.73 -2.28 -4.17
CA LYS C 28 15.37 -1.98 -5.46
C LYS C 28 14.32 -1.64 -6.51
N ILE C 29 14.36 -0.40 -7.00
CA ILE C 29 13.37 0.11 -7.95
C ILE C 29 13.55 -0.35 -9.39
N LYS C 30 14.71 -0.89 -9.74
CA LYS C 30 15.05 -1.17 -11.15
C LYS C 30 14.05 -2.06 -11.90
N ASP C 31 13.43 -3.00 -11.16
CA ASP C 31 12.44 -3.92 -11.72
C ASP C 31 11.06 -3.32 -11.89
N THR C 32 10.84 -2.16 -11.29
CA THR C 32 9.49 -1.58 -11.20
C THR C 32 9.43 -0.21 -11.84
N SER C 33 8.46 0.00 -12.72
CA SER C 33 8.22 1.31 -13.29
C SER C 33 7.73 2.28 -12.22
N MET C 34 8.03 3.55 -12.42
CA MET C 34 7.64 4.57 -11.46
C MET C 34 6.93 5.73 -12.14
N HIS C 35 5.74 6.02 -11.62
CA HIS C 35 4.76 6.88 -12.26
C HIS C 35 4.59 8.15 -11.44
N TRP C 36 4.25 9.24 -12.11
CA TRP C 36 3.85 10.48 -11.45
C TRP C 36 2.45 10.84 -11.90
N VAL C 37 1.62 11.21 -10.92
CA VAL C 37 0.23 11.55 -11.16
C VAL C 37 -0.05 12.93 -10.57
N LYS C 38 -0.83 13.71 -11.32
CA LYS C 38 -1.18 15.08 -10.96
C LYS C 38 -2.64 15.15 -10.55
N GLN C 39 -2.91 15.87 -9.46
CA GLN C 39 -4.28 16.17 -9.07
C GLN C 39 -4.44 17.63 -8.63
N ARG C 40 -5.13 18.41 -9.45
CA ARG C 40 -5.45 19.81 -9.13
C ARG C 40 -6.54 19.88 -8.07
N PRO C 41 -6.54 20.96 -7.25
CA PRO C 41 -7.54 21.15 -6.19
C PRO C 41 -8.96 20.78 -6.60
N GLU C 42 -9.57 19.86 -5.84
CA GLU C 42 -10.94 19.37 -6.05
C GLU C 42 -11.22 18.76 -7.44
N GLN C 43 -10.17 18.31 -8.14
CA GLN C 43 -10.32 17.74 -9.48
C GLN C 43 -9.83 16.28 -9.60
N GLY C 44 -9.82 15.75 -10.81
CA GLY C 44 -9.47 14.35 -11.05
C GLY C 44 -7.98 14.06 -11.16
N LEU C 45 -7.65 12.77 -11.17
CA LEU C 45 -6.26 12.31 -11.34
C LEU C 45 -5.82 12.36 -12.80
N GLU C 46 -4.58 12.80 -13.03
CA GLU C 46 -4.01 12.90 -14.38
C GLU C 46 -2.64 12.23 -14.41
N TRP C 47 -2.49 11.23 -15.27
CA TRP C 47 -1.21 10.55 -15.48
C TRP C 47 -0.27 11.47 -16.25
N ILE C 48 0.84 11.83 -15.61
CA ILE C 48 1.87 12.65 -16.25
C ILE C 48 2.73 11.77 -17.17
N GLY C 49 3.37 10.76 -16.59
CA GLY C 49 4.12 9.74 -17.30
C GLY C 49 4.71 8.75 -16.33
N ARG C 50 5.66 7.94 -16.80
CA ARG C 50 6.40 6.97 -15.98
C ARG C 50 7.84 6.82 -16.48
N ILE C 51 8.70 6.29 -15.62
CA ILE C 51 10.04 5.87 -16.05
C ILE C 51 10.30 4.39 -15.74
N ASP C 52 10.99 3.72 -16.68
CA ASP C 52 11.53 2.38 -16.50
C ASP C 52 12.96 2.59 -16.00
N PRO C 53 13.20 2.40 -14.69
CA PRO C 53 14.50 2.81 -14.15
C PRO C 53 15.69 2.01 -14.71
N ALA C 54 15.41 0.81 -15.22
CA ALA C 54 16.40 -0.02 -15.90
C ALA C 54 16.98 0.66 -17.15
N ASN C 55 16.12 1.01 -18.11
CA ASN C 55 16.57 1.64 -19.36
C ASN C 55 16.69 3.15 -19.25
N ASP C 56 16.12 3.74 -18.21
CA ASP C 56 15.86 5.18 -18.13
C ASP C 56 14.85 5.58 -19.22
N ASN C 57 14.10 4.58 -19.66
CA ASN C 57 13.06 4.73 -20.66
C ASN C 57 11.82 5.35 -20.03
N SER C 58 11.58 6.63 -20.30
CA SER C 58 10.40 7.32 -19.78
C SER C 58 9.45 7.74 -20.89
N GLU C 59 8.14 7.63 -20.61
CA GLU C 59 7.10 8.08 -21.54
C GLU C 59 6.15 9.05 -20.83
N TYR C 60 5.36 9.78 -21.62
CA TYR C 60 4.52 10.87 -21.12
C TYR C 60 3.18 10.94 -21.83
N ASP C 61 2.20 11.56 -21.17
CA ASP C 61 1.03 12.07 -21.85
C ASP C 61 1.51 13.27 -22.68
N PRO C 62 1.19 13.29 -23.99
CA PRO C 62 1.60 14.37 -24.92
C PRO C 62 1.29 15.78 -24.41
N LYS C 63 0.33 15.89 -23.49
CA LYS C 63 -0.04 17.14 -22.84
C LYS C 63 1.08 17.69 -21.94
N PHE C 64 1.93 16.80 -21.43
CA PHE C 64 2.96 17.18 -20.46
C PHE C 64 4.39 17.21 -21.01
N GLN C 65 4.55 16.94 -22.31
CA GLN C 65 5.88 16.99 -22.94
C GLN C 65 6.39 18.42 -23.02
N GLY C 66 7.57 18.65 -22.46
CA GLY C 66 8.18 19.98 -22.45
C GLY C 66 7.70 20.80 -21.27
N LYS C 67 7.20 20.09 -20.28
CA LYS C 67 6.73 20.67 -19.02
C LYS C 67 7.19 19.73 -17.92
N ALA C 68 7.01 18.44 -18.18
CA ALA C 68 7.37 17.39 -17.24
C ALA C 68 8.57 16.61 -17.73
N THR C 69 9.52 16.37 -16.82
CA THR C 69 10.67 15.51 -17.07
C THR C 69 10.80 14.52 -15.92
N ILE C 70 10.66 13.25 -16.24
CA ILE C 70 10.71 12.19 -15.23
C ILE C 70 12.04 11.45 -15.37
N THR C 71 12.79 11.41 -14.27
CA THR C 71 14.06 10.70 -14.20
C THR C 71 14.09 9.74 -12.99
N ALA C 72 14.96 8.74 -13.06
CA ALA C 72 15.18 7.84 -11.94
C ALA C 72 16.65 7.49 -11.85
N ASP C 73 17.06 7.09 -10.64
CA ASP C 73 18.44 6.67 -10.41
C ASP C 73 18.40 5.41 -9.54
N THR C 74 18.81 4.28 -10.13
CA THR C 74 18.77 2.98 -9.45
C THR C 74 19.76 2.82 -8.31
N SER C 75 20.83 3.62 -8.32
CA SER C 75 21.82 3.58 -7.24
C SER C 75 21.36 4.32 -5.97
N SER C 76 20.44 5.26 -6.13
CA SER C 76 19.84 5.97 -4.99
C SER C 76 18.40 5.55 -4.73
N ASN C 77 17.87 4.70 -5.62
CA ASN C 77 16.46 4.27 -5.63
C ASN C 77 15.45 5.42 -5.53
N THR C 78 15.73 6.49 -6.26
CA THR C 78 14.97 7.73 -6.20
C THR C 78 14.44 8.10 -7.58
N ALA C 79 13.23 8.63 -7.61
CA ALA C 79 12.63 9.12 -8.83
C ALA C 79 12.41 10.62 -8.70
N TYR C 80 12.45 11.32 -9.84
CA TYR C 80 12.31 12.77 -9.84
C TYR C 80 11.28 13.22 -10.87
N LEU C 81 10.53 14.26 -10.52
CA LEU C 81 9.73 14.98 -11.50
C LEU C 81 10.16 16.44 -11.61
N GLN C 82 10.71 16.79 -12.76
CA GLN C 82 11.06 18.18 -13.05
C GLN C 82 9.95 18.87 -13.83
N LEU C 83 9.51 20.01 -13.29
CA LEU C 83 8.44 20.83 -13.87
C LEU C 83 8.99 22.17 -14.34
N SER C 84 8.82 22.46 -15.63
CA SER C 84 9.27 23.71 -16.24
C SER C 84 8.17 24.75 -16.34
N SER C 85 8.55 26.00 -16.61
CA SER C 85 7.63 27.12 -16.85
C SER C 85 6.40 27.10 -15.95
N LEU C 86 6.62 27.19 -14.64
CA LEU C 86 5.54 27.05 -13.64
C LEU C 86 4.39 28.02 -13.86
N THR C 87 3.19 27.57 -13.51
CA THR C 87 1.95 28.26 -13.85
C THR C 87 0.88 27.84 -12.85
N SER C 88 -0.13 28.68 -12.63
CA SER C 88 -1.25 28.36 -11.72
C SER C 88 -1.89 27.01 -12.06
N GLU C 89 -1.87 26.67 -13.35
CA GLU C 89 -2.30 25.36 -13.85
C GLU C 89 -1.50 24.21 -13.23
N ASP C 90 -0.27 24.50 -12.80
CA ASP C 90 0.62 23.50 -12.19
C ASP C 90 0.44 23.36 -10.68
N THR C 91 -0.39 24.22 -10.09
CA THR C 91 -0.79 24.09 -8.69
C THR C 91 -1.61 22.82 -8.54
N ALA C 92 -1.05 21.87 -7.79
CA ALA C 92 -1.59 20.52 -7.67
C ALA C 92 -0.85 19.72 -6.62
N VAL C 93 -1.42 18.59 -6.23
CA VAL C 93 -0.71 17.55 -5.52
C VAL C 93 -0.07 16.63 -6.57
N TYR C 94 1.18 16.23 -6.32
CA TYR C 94 1.88 15.35 -7.22
C TYR C 94 2.22 14.07 -6.49
N TYR C 95 1.64 12.98 -6.98
CA TYR C 95 1.89 11.67 -6.41
C TYR C 95 2.99 10.99 -7.20
N CYS C 96 3.88 10.32 -6.51
CA CYS C 96 4.77 9.38 -7.16
C CYS C 96 4.29 7.99 -6.81
N THR C 97 4.55 7.03 -7.68
CA THR C 97 4.20 5.66 -7.39
C THR C 97 5.39 4.75 -7.60
N LEU C 98 5.51 3.78 -6.70
CA LEU C 98 6.35 2.61 -6.88
C LEU C 98 5.41 1.56 -7.46
N SER C 99 5.45 1.40 -8.79
CA SER C 99 4.46 0.59 -9.50
C SER C 99 3.02 0.94 -9.08
N HIS C 100 2.27 -0.02 -8.52
CA HIS C 100 0.88 0.23 -8.11
C HIS C 100 0.71 0.73 -6.67
N PHE C 101 1.83 1.02 -6.00
CA PHE C 101 1.81 1.64 -4.67
C PHE C 101 2.07 3.14 -4.72
N TRP C 102 1.21 3.93 -4.10
CA TRP C 102 1.26 5.39 -4.22
C TRP C 102 1.91 6.08 -3.03
N GLY C 103 2.67 7.14 -3.30
CA GLY C 103 3.21 8.01 -2.26
C GLY C 103 2.14 8.88 -1.64
N GLN C 104 2.52 9.75 -0.70
CA GLN C 104 1.57 10.60 0.01
C GLN C 104 1.30 11.92 -0.73
N GLY C 105 2.07 12.16 -1.78
CA GLY C 105 1.92 13.34 -2.60
C GLY C 105 2.72 14.52 -2.10
N THR C 106 3.05 15.42 -3.03
CA THR C 106 3.69 16.69 -2.73
C THR C 106 2.80 17.82 -3.24
N THR C 107 2.44 18.73 -2.34
CA THR C 107 1.66 19.91 -2.71
C THR C 107 2.56 20.95 -3.35
N LEU C 108 2.21 21.36 -4.57
CA LEU C 108 2.86 22.48 -5.25
C LEU C 108 1.91 23.66 -5.34
N THR C 109 2.33 24.81 -4.82
CA THR C 109 1.58 26.05 -5.00
C THR C 109 2.39 27.00 -5.89
N VAL C 110 1.80 27.40 -7.01
CA VAL C 110 2.42 28.36 -7.92
C VAL C 110 1.69 29.72 -7.85
N SER C 111 2.40 30.72 -7.33
CA SER C 111 1.83 32.05 -7.14
C SER C 111 2.90 33.12 -6.94
N SER C 112 2.61 34.33 -7.41
CA SER C 112 3.47 35.48 -7.19
C SER C 112 3.29 36.06 -5.79
N ALA C 113 2.27 35.59 -5.09
CA ALA C 113 2.00 35.97 -3.69
C ALA C 113 3.03 35.38 -2.75
N LYS C 114 3.50 36.19 -1.82
CA LYS C 114 4.54 35.79 -0.86
C LYS C 114 3.97 35.17 0.41
N THR C 115 4.83 34.49 1.16
CA THR C 115 4.47 33.85 2.44
C THR C 115 4.11 34.90 3.49
N THR C 116 2.90 34.78 4.05
CA THR C 116 2.37 35.74 5.01
C THR C 116 1.94 35.04 6.31
N PRO C 117 2.46 35.51 7.45
CA PRO C 117 2.04 34.99 8.76
C PRO C 117 0.56 35.26 9.04
N PRO C 118 -0.16 34.24 9.55
CA PRO C 118 -1.59 34.40 9.85
C PRO C 118 -1.86 35.25 11.08
N SER C 119 -2.93 36.03 11.02
CA SER C 119 -3.49 36.67 12.22
C SER C 119 -4.76 35.93 12.61
N VAL C 120 -4.95 35.75 13.92
CA VAL C 120 -6.08 34.96 14.44
C VAL C 120 -6.99 35.82 15.31
N TYR C 121 -8.28 35.76 15.02
CA TYR C 121 -9.29 36.49 15.78
C TYR C 121 -10.30 35.53 16.43
N PRO C 122 -10.50 35.67 17.75
CA PRO C 122 -11.41 34.78 18.49
C PRO C 122 -12.88 35.06 18.18
N LEU C 123 -13.68 34.00 18.16
CA LEU C 123 -15.12 34.12 17.94
C LEU C 123 -15.89 33.70 19.18
N ALA C 124 -16.41 34.70 19.89
CA ALA C 124 -17.22 34.49 21.09
C ALA C 124 -18.61 35.09 20.87
N PRO C 125 -19.66 34.47 21.45
CA PRO C 125 -21.01 35.02 21.36
C PRO C 125 -21.14 36.39 22.04
N GLY C 126 -22.09 37.20 21.55
CA GLY C 126 -22.33 38.53 22.10
C GLY C 126 -23.01 38.52 23.45
N CYS C 127 -22.97 39.66 24.14
CA CYS C 127 -23.59 39.81 25.44
C CYS C 127 -25.09 40.09 25.32
N SER C 133 -27.83 24.67 26.44
CA SER C 133 -27.15 23.44 26.85
C SER C 133 -25.77 23.31 26.20
N SER C 134 -25.73 23.51 24.88
CA SER C 134 -24.47 23.49 24.12
C SER C 134 -24.06 24.90 23.70
N VAL C 135 -22.76 25.16 23.74
CA VAL C 135 -22.21 26.46 23.34
C VAL C 135 -21.17 26.33 22.23
N THR C 136 -21.29 27.18 21.21
CA THR C 136 -20.39 27.14 20.05
C THR C 136 -19.39 28.30 20.06
N LEU C 137 -18.11 27.96 19.94
CA LEU C 137 -17.02 28.93 19.84
C LEU C 137 -16.30 28.78 18.49
N GLY C 138 -15.27 29.59 18.27
CA GLY C 138 -14.52 29.52 17.02
C GLY C 138 -13.32 30.45 16.92
N CYS C 139 -12.55 30.27 15.87
CA CYS C 139 -11.44 31.16 15.54
C CYS C 139 -11.44 31.48 14.04
N LEU C 140 -11.33 32.77 13.72
CA LEU C 140 -11.28 33.22 12.33
C LEU C 140 -9.83 33.49 11.91
N VAL C 141 -9.32 32.65 11.01
CA VAL C 141 -7.93 32.74 10.58
C VAL C 141 -7.83 33.51 9.25
N LYS C 142 -7.30 34.72 9.33
CA LYS C 142 -7.19 35.63 8.19
C LYS C 142 -5.75 35.98 7.80
N GLY C 143 -5.59 36.43 6.56
CA GLY C 143 -4.32 37.00 6.08
C GLY C 143 -3.12 36.07 6.11
N TYR C 144 -3.27 34.89 5.51
CA TYR C 144 -2.16 33.94 5.44
C TYR C 144 -1.95 33.35 4.06
N PHE C 145 -0.71 33.01 3.75
CA PHE C 145 -0.33 32.40 2.48
C PHE C 145 0.99 31.64 2.67
N PRO C 146 1.14 30.47 2.02
CA PRO C 146 0.16 29.80 1.18
C PRO C 146 -0.83 28.95 1.97
N GLU C 147 -1.76 28.30 1.26
CA GLU C 147 -2.75 27.43 1.87
C GLU C 147 -2.12 26.28 2.65
N SER C 148 -2.58 26.14 3.90
CA SER C 148 -2.21 25.05 4.82
C SER C 148 -2.12 25.57 6.25
N VAL C 149 -3.27 25.55 6.94
CA VAL C 149 -3.34 25.93 8.35
C VAL C 149 -3.97 24.81 9.17
N THR C 150 -3.30 24.44 10.27
CA THR C 150 -3.82 23.46 11.22
C THR C 150 -4.35 24.18 12.45
N VAL C 151 -5.57 23.83 12.86
CA VAL C 151 -6.19 24.42 14.05
C VAL C 151 -6.76 23.32 14.98
N THR C 152 -6.25 23.30 16.22
CA THR C 152 -6.68 22.33 17.22
C THR C 152 -7.21 23.04 18.48
N TRP C 153 -8.03 22.34 19.26
CA TRP C 153 -8.60 22.91 20.48
C TRP C 153 -8.21 22.10 21.73
N ASN C 154 -7.31 22.65 22.53
CA ASN C 154 -6.88 22.03 23.78
C ASN C 154 -6.85 23.02 24.94
N SER C 161 -18.61 18.30 17.09
CA SER C 161 -18.31 19.53 17.81
C SER C 161 -17.31 20.40 17.07
N VAL C 162 -16.19 19.81 16.66
CA VAL C 162 -15.13 20.51 15.94
C VAL C 162 -15.38 20.47 14.44
N HIS C 163 -15.40 21.65 13.82
CA HIS C 163 -15.56 21.78 12.37
C HIS C 163 -14.46 22.63 11.76
N THR C 164 -13.92 22.18 10.62
CA THR C 164 -12.91 22.92 9.87
C THR C 164 -13.49 23.33 8.52
N PHE C 165 -13.56 24.64 8.29
CA PHE C 165 -14.16 25.18 7.07
C PHE C 165 -13.09 25.53 6.06
N PRO C 166 -13.23 25.00 4.82
CA PRO C 166 -12.22 25.21 3.78
C PRO C 166 -11.90 26.68 3.57
N ALA C 167 -10.64 26.95 3.25
CA ALA C 167 -10.16 28.31 3.00
C ALA C 167 -10.71 28.86 1.68
N LEU C 168 -11.00 30.16 1.68
CA LEU C 168 -11.37 30.87 0.47
C LEU C 168 -10.31 31.94 0.21
N LEU C 169 -9.96 32.11 -1.07
CA LEU C 169 -8.94 33.08 -1.45
C LEU C 169 -9.53 34.50 -1.43
N GLN C 170 -9.42 35.15 -0.28
CA GLN C 170 -10.04 36.46 -0.05
C GLN C 170 -9.24 37.62 -0.63
N SER C 171 -9.33 37.79 -1.96
CA SER C 171 -8.76 38.93 -2.70
C SER C 171 -7.23 39.10 -2.60
N GLY C 172 -6.54 38.05 -2.14
CA GLY C 172 -5.09 38.06 -2.01
C GLY C 172 -4.56 36.96 -1.10
N LEU C 173 -5.01 36.99 0.15
CA LEU C 173 -4.62 36.00 1.15
C LEU C 173 -5.73 34.96 1.36
N TYR C 174 -5.51 34.01 2.27
CA TYR C 174 -6.52 32.99 2.57
C TYR C 174 -7.29 33.29 3.84
N THR C 175 -8.58 32.96 3.82
CA THR C 175 -9.46 33.13 4.97
C THR C 175 -10.19 31.82 5.27
N MET C 176 -9.88 31.26 6.43
CA MET C 176 -10.55 30.04 6.91
C MET C 176 -11.11 30.24 8.31
N SER C 177 -11.82 29.24 8.81
CA SER C 177 -12.33 29.27 10.17
C SER C 177 -12.52 27.86 10.74
N SER C 178 -12.55 27.78 12.07
CA SER C 178 -12.84 26.53 12.76
C SER C 178 -13.81 26.81 13.91
N SER C 179 -14.73 25.87 14.15
CA SER C 179 -15.68 25.99 15.26
C SER C 179 -15.54 24.82 16.23
N VAL C 180 -16.03 25.01 17.46
CA VAL C 180 -16.06 23.96 18.47
C VAL C 180 -17.34 24.07 19.31
N THR C 181 -17.97 22.93 19.59
CA THR C 181 -19.19 22.89 20.40
C THR C 181 -19.00 22.11 21.69
N VAL C 182 -18.99 22.84 22.81
CA VAL C 182 -18.77 22.26 24.14
C VAL C 182 -19.94 22.52 25.09
N PRO C 183 -20.11 21.67 26.13
CA PRO C 183 -21.11 21.93 27.17
C PRO C 183 -20.88 23.28 27.86
N SER C 184 -21.97 24.02 28.07
CA SER C 184 -21.90 25.36 28.67
C SER C 184 -21.54 25.34 30.16
N SER C 185 -21.45 24.14 30.73
CA SER C 185 -20.95 23.94 32.08
C SER C 185 -19.43 23.80 32.09
N THR C 186 -18.87 23.47 30.92
CA THR C 186 -17.43 23.29 30.76
C THR C 186 -16.72 24.54 30.24
N TRP C 187 -17.50 25.61 30.01
CA TRP C 187 -16.96 26.90 29.55
C TRP C 187 -17.83 28.06 30.02
N PRO C 188 -17.20 29.10 30.61
CA PRO C 188 -15.76 29.22 30.87
C PRO C 188 -15.36 28.79 32.30
N SER C 189 -15.83 27.62 32.73
CA SER C 189 -15.39 27.02 33.99
C SER C 189 -13.95 26.52 33.84
N GLN C 190 -13.71 25.82 32.73
CA GLN C 190 -12.36 25.47 32.30
C GLN C 190 -12.17 26.02 30.87
N THR C 191 -11.47 27.15 30.78
CA THR C 191 -11.32 27.89 29.52
C THR C 191 -10.65 27.07 28.42
N VAL C 192 -11.14 27.24 27.19
CA VAL C 192 -10.60 26.50 26.03
C VAL C 192 -9.87 27.45 25.07
N THR C 193 -8.82 26.93 24.44
CA THR C 193 -7.93 27.72 23.59
C THR C 193 -7.86 27.11 22.18
N CYS C 194 -7.65 27.96 21.18
CA CYS C 194 -7.37 27.49 19.82
C CYS C 194 -5.93 27.80 19.41
N SER C 195 -5.22 26.79 18.92
CA SER C 195 -3.85 26.95 18.45
C SER C 195 -3.76 26.81 16.93
N VAL C 196 -3.19 27.82 16.28
CA VAL C 196 -3.15 27.90 14.81
C VAL C 196 -1.71 27.78 14.28
N ALA C 197 -1.47 26.71 13.53
CA ALA C 197 -0.14 26.44 12.98
C ALA C 197 -0.08 26.71 11.48
N HIS C 198 0.94 27.46 11.06
CA HIS C 198 1.17 27.77 9.67
C HIS C 198 2.65 27.45 9.34
N PRO C 199 2.89 26.28 8.72
CA PRO C 199 4.23 25.72 8.58
C PRO C 199 5.15 26.50 7.64
N ALA C 200 4.58 27.19 6.68
CA ALA C 200 5.35 27.96 5.69
C ALA C 200 5.98 29.21 6.32
N SER C 201 5.18 29.95 7.08
CA SER C 201 5.66 31.11 7.83
C SER C 201 6.37 30.67 9.12
N SER C 202 6.20 29.38 9.46
CA SER C 202 6.79 28.76 10.66
C SER C 202 6.32 29.42 11.96
N THR C 203 5.02 29.72 12.02
CA THR C 203 4.42 30.42 13.15
C THR C 203 3.34 29.62 13.87
N THR C 204 3.37 29.66 15.20
CA THR C 204 2.33 29.08 16.05
C THR C 204 1.71 30.15 16.95
N VAL C 205 0.38 30.22 16.95
CA VAL C 205 -0.35 31.25 17.69
C VAL C 205 -1.48 30.67 18.53
N ASP C 206 -1.48 30.98 19.83
CA ASP C 206 -2.51 30.52 20.75
C ASP C 206 -3.41 31.67 21.18
N LYS C 207 -4.70 31.55 20.89
CA LYS C 207 -5.68 32.59 21.22
C LYS C 207 -6.74 32.07 22.21
N LYS C 208 -6.77 32.68 23.39
CA LYS C 208 -7.71 32.30 24.45
C LYS C 208 -9.06 33.02 24.29
N LEU C 209 -10.13 32.24 24.16
CA LEU C 209 -11.48 32.77 24.00
C LEU C 209 -12.06 33.27 25.32
N GLU C 210 -12.66 34.45 25.29
CA GLU C 210 -13.26 35.06 26.48
C GLU C 210 -14.67 35.56 26.19
#